data_8SC8
#
_entry.id   8SC8
#
_cell.length_a   143.934
_cell.length_b   67.452
_cell.length_c   106.983
_cell.angle_alpha   90.000
_cell.angle_beta   95.274
_cell.angle_gamma   90.000
#
_symmetry.space_group_name_H-M   'C 1 2 1'
#
loop_
_entity.id
_entity.type
_entity.pdbx_description
1 polymer 'Phosphatidylinositol 4,5-bisphosphate 3-kinase catalytic subunit gamma isoform'
2 non-polymer 'SULFATE ION'
3 non-polymer N-[(5P)-2-chloro-5-(4-{[(1R)-1-phenylethyl]amino}quinazolin-6-yl)pyridin-3-yl]methanesulfonamide
4 water water
#
_entity_poly.entity_id   1
_entity_poly.type   'polypeptide(L)'
_entity_poly.pdbx_seq_one_letter_code
;MSEESQAFQRQLTALIGYDVTDVSNVHDDELEFTRRGLVTPRMAEVASRDPKLYAMHPWVTSKPLPEYLWKKIANNCIFI
VIHRSTTSQTIKVSPDDTPGAILQSFFTKMAKKKSLMDIPESQSEQDFVLRVCGRDEYLVGETPIKNFQWVRHCLKNGEE
IHVVLDTPPDPALDEVRKEEWPLVDDCTGVTGYHEQLTIHGKDHESVFTVSLWDCDRKFRVKIRGIDIPVLPRNTDLTVF
VEANIQHGQQVLCQRRTSPKPFTEEVLWNVWLEFSIKIKDLPKGALLNLQIYCGKAPALSSKASAESPSSESKGKVQLLY
YVNLLLIDHRFLLRRGEYVLHMWQISGKGEDQGSFNADKLTSATNPDKENSMSISILLDNYCHPIALPKHQPTPDPEGDR
VRAEMPNQLRKQLEAIIATDPLNPLTAEDKELLWHFRYESLKHPKAYPKLFSSVKWGQQEIVAKTYQLLARREVWDQSAL
DVGLTMQLLDCNFSDENVRAIAVQKLESLEDDDVLHYLLQLVQAVKFEPYHDSALARFLLKRGLRNKRIGHFLFWFLRSE
IAQSRHYQQRFAVILEAYLRGCGTAMLHDFTQQVQVIEMLQKVTLDIKSLSAEKYDVSSQVISQLKQKLENLQNSQLPES
FRVPYDPGLKAGALAIEKCKVMASKKKPLWLEFKCADPTALSNETIGIIFKHGDDLRQDMLILQILRIMESIWETESLDL
CLLPYGCISTGDKIGMIEIVKDATTIAKIQQSTVGNTGAFKDEVLNHWLKEKSPTEEKFQAAVERFVYSCAGYCVATFVL
GIGDRHNDNIMITETGNLFHIDFGHILGNYKSFLGINKERVPFVLTPDFLFVMGTSGKKTSPHFQKFQDICVKAYLALRH
HTNLLIILFSMMLMTGMPQLTSKEDIEYIRDALTVGKNEEDAKKYFLDQIEVCRDKGWTVQFNWFLHLVLGIKQGEKHSA
HHHHHH
;
_entity_poly.pdbx_strand_id   A
#
loop_
_chem_comp.id
_chem_comp.type
_chem_comp.name
_chem_comp.formula
D0D non-polymer N-[(5P)-2-chloro-5-(4-{[(1R)-1-phenylethyl]amino}quinazolin-6-yl)pyridin-3-yl]methanesulfonamide 'C22 H20 Cl N5 O2 S'
SO4 non-polymer 'SULFATE ION' 'O4 S -2'
#
# COMPACT_ATOMS: atom_id res chain seq x y z
N SER A 2 30.56 -22.68 -0.22
CA SER A 2 29.95 -23.22 1.04
C SER A 2 30.43 -22.41 2.24
N GLU A 3 31.72 -22.05 2.24
CA GLU A 3 32.29 -21.22 3.30
C GLU A 3 31.56 -19.87 3.33
N GLU A 4 31.57 -19.16 2.19
CA GLU A 4 30.97 -17.83 2.10
C GLU A 4 29.74 -17.87 1.21
N SER A 5 29.10 -19.05 1.12
CA SER A 5 27.73 -19.16 0.62
C SER A 5 26.75 -19.20 1.80
N GLN A 6 27.22 -19.72 2.93
CA GLN A 6 26.43 -19.81 4.14
C GLN A 6 26.53 -18.50 4.94
N ALA A 7 27.66 -17.81 4.81
CA ALA A 7 27.83 -16.48 5.38
C ALA A 7 26.92 -15.49 4.67
N PHE A 8 26.72 -15.71 3.36
CA PHE A 8 25.84 -14.89 2.55
C PHE A 8 24.39 -15.18 2.90
N GLN A 9 24.06 -16.47 3.06
CA GLN A 9 22.70 -16.91 3.37
C GLN A 9 22.30 -16.46 4.78
N ARG A 10 23.29 -16.18 5.64
CA ARG A 10 23.02 -15.51 6.90
C ARG A 10 22.68 -14.05 6.64
N GLN A 11 23.52 -13.39 5.81
CA GLN A 11 23.32 -12.00 5.45
C GLN A 11 21.91 -11.83 4.92
N LEU A 12 21.51 -12.70 3.99
CA LEU A 12 20.20 -12.63 3.36
C LEU A 12 19.10 -12.84 4.40
N THR A 13 19.32 -13.73 5.37
CA THR A 13 18.29 -14.09 6.33
C THR A 13 18.11 -12.97 7.36
N ALA A 14 19.19 -12.28 7.71
CA ALA A 14 19.14 -11.20 8.68
C ALA A 14 18.43 -9.98 8.09
N LEU A 15 18.46 -9.86 6.76
CA LEU A 15 17.78 -8.79 6.05
C LEU A 15 16.30 -9.11 5.88
N ILE A 16 16.02 -10.37 5.47
CA ILE A 16 14.66 -10.81 5.18
C ILE A 16 13.85 -10.87 6.48
N GLY A 17 14.48 -11.40 7.53
CA GLY A 17 13.80 -11.66 8.78
C GLY A 17 13.07 -13.01 8.74
N TYR A 18 13.51 -13.89 7.85
CA TYR A 18 12.97 -15.24 7.75
C TYR A 18 13.95 -16.15 7.01
N ASP A 19 14.07 -17.39 7.50
CA ASP A 19 14.97 -18.38 6.93
C ASP A 19 14.24 -19.14 5.82
N VAL A 20 14.64 -18.88 4.58
CA VAL A 20 13.97 -19.44 3.41
C VAL A 20 14.41 -20.89 3.20
N THR A 21 15.63 -21.22 3.63
CA THR A 21 16.18 -22.56 3.43
C THR A 21 15.55 -23.55 4.41
N ASP A 22 14.90 -23.03 5.46
CA ASP A 22 14.20 -23.86 6.44
C ASP A 22 13.04 -24.57 5.74
N VAL A 23 12.88 -25.86 6.06
CA VAL A 23 11.89 -26.73 5.42
C VAL A 23 11.07 -27.43 6.50
N SER A 24 10.88 -26.75 7.64
CA SER A 24 10.16 -27.32 8.78
C SER A 24 8.65 -27.12 8.63
N ASN A 25 8.23 -26.18 7.78
CA ASN A 25 6.82 -25.90 7.59
C ASN A 25 6.51 -25.77 6.10
N VAL A 26 6.79 -26.85 5.35
CA VAL A 26 6.32 -26.99 3.98
C VAL A 26 6.18 -28.49 3.70
N HIS A 27 5.13 -28.85 2.94
CA HIS A 27 4.79 -30.24 2.68
C HIS A 27 4.92 -30.54 1.19
N ASP A 28 5.73 -29.73 0.48
CA ASP A 28 6.02 -29.98 -0.93
C ASP A 28 7.22 -29.15 -1.37
N ASP A 29 7.46 -29.12 -2.69
CA ASP A 29 8.70 -28.63 -3.28
C ASP A 29 8.51 -27.20 -3.77
N GLU A 30 7.36 -26.59 -3.46
CA GLU A 30 6.88 -25.42 -4.19
C GLU A 30 7.76 -24.21 -3.88
N LEU A 31 7.98 -23.91 -2.60
CA LEU A 31 8.77 -22.75 -2.21
C LEU A 31 10.19 -22.86 -2.77
N GLU A 32 10.75 -24.08 -2.79
CA GLU A 32 12.11 -24.29 -3.26
C GLU A 32 12.14 -24.21 -4.79
N PHE A 33 11.14 -24.81 -5.44
CA PHE A 33 11.00 -24.76 -6.89
C PHE A 33 10.87 -23.31 -7.35
N THR A 34 10.16 -22.50 -6.56
CA THR A 34 9.96 -21.10 -6.84
C THR A 34 11.29 -20.35 -6.72
N ARG A 35 12.06 -20.64 -5.68
CA ARG A 35 13.39 -20.08 -5.52
C ARG A 35 14.25 -20.42 -6.73
N ARG A 36 14.21 -21.69 -7.15
CA ARG A 36 14.93 -22.13 -8.34
C ARG A 36 14.43 -21.38 -9.56
N GLY A 37 13.10 -21.26 -9.68
CA GLY A 37 12.47 -20.64 -10.84
C GLY A 37 12.84 -19.17 -11.01
N LEU A 38 13.16 -18.48 -9.90
CA LEU A 38 13.34 -17.03 -9.91
C LEU A 38 14.82 -16.66 -10.08
N VAL A 39 15.62 -17.57 -10.66
CA VAL A 39 17.01 -17.25 -11.00
C VAL A 39 17.03 -16.64 -12.40
N THR A 40 16.32 -17.28 -13.34
CA THR A 40 16.25 -16.85 -14.72
C THR A 40 15.78 -15.39 -14.79
N PRO A 41 14.59 -15.04 -14.25
CA PRO A 41 14.07 -13.67 -14.35
C PRO A 41 14.90 -12.65 -13.57
N ARG A 42 15.56 -13.11 -12.49
CA ARG A 42 16.50 -12.28 -11.75
C ARG A 42 17.67 -11.93 -12.66
N MET A 43 18.30 -12.95 -13.24
CA MET A 43 19.52 -12.78 -14.02
C MET A 43 19.21 -12.04 -15.33
N ALA A 44 18.03 -12.28 -15.90
CA ALA A 44 17.63 -11.64 -17.14
C ALA A 44 17.57 -10.12 -16.99
N GLU A 45 17.09 -9.67 -15.82
CA GLU A 45 16.93 -8.24 -15.56
C GLU A 45 18.25 -7.66 -15.05
N VAL A 46 19.01 -8.46 -14.29
CA VAL A 46 20.30 -8.03 -13.78
C VAL A 46 21.25 -7.84 -14.97
N ALA A 47 21.26 -8.80 -15.89
CA ALA A 47 22.13 -8.75 -17.07
C ALA A 47 21.74 -7.57 -17.95
N SER A 48 20.43 -7.34 -18.13
CA SER A 48 19.93 -6.23 -18.93
C SER A 48 19.66 -5.04 -18.01
N ARG A 49 20.74 -4.39 -17.58
CA ARG A 49 20.65 -3.30 -16.62
C ARG A 49 21.78 -2.31 -16.90
N ASP A 50 21.42 -1.12 -17.40
CA ASP A 50 22.40 -0.10 -17.71
C ASP A 50 23.11 0.29 -16.42
N PRO A 51 24.41 -0.05 -16.24
CA PRO A 51 25.09 0.10 -14.96
C PRO A 51 25.03 1.52 -14.38
N LYS A 52 25.14 2.53 -15.27
CA LYS A 52 25.25 3.92 -14.87
C LYS A 52 23.87 4.48 -14.49
N LEU A 53 22.85 4.17 -15.30
CA LEU A 53 21.51 4.68 -15.06
C LEU A 53 20.88 3.99 -13.84
N TYR A 54 21.29 2.74 -13.58
CA TYR A 54 20.85 2.01 -12.40
C TYR A 54 21.45 2.64 -11.14
N ALA A 55 22.73 3.02 -11.23
CA ALA A 55 23.49 3.49 -10.07
C ALA A 55 23.02 4.87 -9.63
N MET A 56 22.45 5.65 -10.55
CA MET A 56 22.03 7.01 -10.27
C MET A 56 20.50 7.13 -10.25
N HIS A 57 19.80 6.05 -10.64
CA HIS A 57 18.36 5.93 -10.49
C HIS A 57 17.64 7.27 -10.67
N PRO A 58 17.74 7.93 -11.85
CA PRO A 58 17.06 9.20 -12.08
C PRO A 58 15.54 9.07 -12.01
N TRP A 59 14.93 9.85 -11.11
CA TRP A 59 13.50 9.75 -10.83
C TRP A 59 12.75 10.69 -11.77
N VAL A 60 12.08 10.11 -12.78
CA VAL A 60 11.57 10.88 -13.90
C VAL A 60 10.15 10.43 -14.26
N THR A 61 9.41 11.32 -14.95
CA THR A 61 8.03 11.10 -15.30
C THR A 61 7.75 11.66 -16.70
N SER A 62 6.92 10.96 -17.47
CA SER A 62 6.57 11.35 -18.83
C SER A 62 5.29 12.18 -18.85
N LYS A 63 4.62 12.30 -17.69
CA LYS A 63 3.36 13.02 -17.59
C LYS A 63 3.58 14.49 -17.89
N PRO A 64 2.56 15.21 -18.42
CA PRO A 64 2.70 16.64 -18.71
C PRO A 64 2.72 17.48 -17.43
N LEU A 65 3.51 18.55 -17.43
CA LEU A 65 3.47 19.54 -16.36
C LEU A 65 2.04 20.06 -16.22
N PRO A 66 1.40 19.93 -15.04
CA PRO A 66 0.05 20.47 -14.84
C PRO A 66 -0.03 21.97 -15.07
N GLU A 67 -1.27 22.46 -15.23
CA GLU A 67 -1.54 23.84 -15.57
C GLU A 67 -1.32 24.75 -14.36
N TYR A 68 -1.52 24.19 -13.15
CA TYR A 68 -1.29 24.94 -11.92
C TYR A 68 0.21 25.14 -11.70
N LEU A 69 1.03 24.21 -12.21
CA LEU A 69 2.46 24.24 -11.99
C LEU A 69 3.16 25.00 -13.12
N TRP A 70 2.55 24.97 -14.32
CA TRP A 70 3.03 25.79 -15.43
C TRP A 70 3.01 27.27 -15.04
N LYS A 71 1.89 27.71 -14.45
CA LYS A 71 1.64 29.11 -14.22
C LYS A 71 2.42 29.60 -13.01
N LYS A 72 3.65 29.11 -12.85
CA LYS A 72 4.67 29.75 -12.04
C LYS A 72 6.01 29.64 -12.79
N ILE A 73 5.99 29.94 -14.09
CA ILE A 73 7.19 30.05 -14.91
C ILE A 73 7.04 31.27 -15.82
N ALA A 74 8.06 32.13 -15.84
CA ALA A 74 7.99 33.39 -16.57
C ALA A 74 8.16 33.14 -18.07
N ASN A 75 9.41 33.05 -18.54
CA ASN A 75 9.71 32.93 -19.96
C ASN A 75 10.69 31.78 -20.17
N ASN A 76 10.21 30.54 -19.97
CA ASN A 76 11.06 29.36 -20.01
C ASN A 76 12.30 29.60 -19.15
N CYS A 77 12.05 30.06 -17.92
CA CYS A 77 13.12 30.39 -16.98
C CYS A 77 13.03 29.47 -15.77
N ILE A 78 14.08 28.67 -15.55
CA ILE A 78 14.26 27.91 -14.33
C ILE A 78 15.71 28.10 -13.88
N PHE A 79 15.89 28.66 -12.67
CA PHE A 79 17.21 29.06 -12.21
C PHE A 79 17.79 27.94 -11.33
N ILE A 80 18.62 27.09 -11.95
CA ILE A 80 19.32 26.02 -11.26
C ILE A 80 20.62 26.57 -10.69
N VAL A 81 20.67 26.69 -9.36
CA VAL A 81 21.84 27.18 -8.67
C VAL A 81 22.85 26.03 -8.57
N ILE A 82 23.93 26.11 -9.35
CA ILE A 82 24.95 25.07 -9.40
C ILE A 82 26.05 25.43 -8.41
N HIS A 83 26.52 24.42 -7.66
CA HIS A 83 27.51 24.62 -6.61
C HIS A 83 28.80 23.86 -6.95
N ARG A 84 29.89 24.27 -6.29
CA ARG A 84 31.17 23.59 -6.32
C ARG A 84 32.02 24.14 -5.17
N SER A 85 32.28 23.29 -4.17
CA SER A 85 32.86 23.72 -2.91
C SER A 85 31.94 24.77 -2.26
N THR A 86 32.16 26.06 -2.57
CA THR A 86 31.23 27.10 -2.19
C THR A 86 31.07 28.14 -3.32
N THR A 87 31.57 27.83 -4.52
CA THR A 87 31.43 28.72 -5.66
C THR A 87 30.05 28.49 -6.30
N SER A 88 29.03 29.10 -5.67
CA SER A 88 27.66 29.01 -6.14
C SER A 88 27.48 29.83 -7.43
N GLN A 89 26.70 29.31 -8.37
CA GLN A 89 26.49 29.97 -9.66
C GLN A 89 25.08 29.66 -10.17
N THR A 90 24.34 30.72 -10.53
CA THR A 90 22.97 30.61 -11.00
C THR A 90 22.95 30.54 -12.53
N ILE A 91 22.10 29.64 -13.06
CA ILE A 91 21.97 29.44 -14.50
C ILE A 91 20.49 29.36 -14.85
N LYS A 92 20.07 30.10 -15.90
CA LYS A 92 18.74 29.96 -16.46
C LYS A 92 18.77 28.85 -17.51
N VAL A 93 17.83 27.91 -17.39
CA VAL A 93 17.62 26.88 -18.40
C VAL A 93 16.15 26.86 -18.77
N SER A 94 15.83 26.20 -19.90
CA SER A 94 14.46 26.08 -20.38
C SER A 94 13.92 24.69 -20.02
N PRO A 95 12.58 24.53 -19.89
CA PRO A 95 11.99 23.23 -19.52
C PRO A 95 12.38 22.06 -20.43
N ASP A 96 12.80 22.34 -21.66
CA ASP A 96 13.14 21.30 -22.62
C ASP A 96 14.61 20.91 -22.49
N ASP A 97 15.42 21.71 -21.79
CA ASP A 97 16.86 21.50 -21.74
C ASP A 97 17.17 20.20 -20.97
N THR A 98 17.79 19.25 -21.68
CA THR A 98 18.29 18.02 -21.08
C THR A 98 19.46 18.34 -20.17
N PRO A 99 19.64 17.64 -19.02
CA PRO A 99 20.77 17.89 -18.11
C PRO A 99 22.15 17.90 -18.76
N GLY A 100 22.35 17.07 -19.78
CA GLY A 100 23.60 17.01 -20.52
C GLY A 100 23.91 18.32 -21.25
N ALA A 101 22.86 18.94 -21.82
CA ALA A 101 22.98 20.20 -22.52
C ALA A 101 23.31 21.33 -21.54
N ILE A 102 22.81 21.23 -20.32
CA ILE A 102 23.01 22.24 -19.29
C ILE A 102 24.47 22.20 -18.83
N LEU A 103 25.09 21.01 -18.86
CA LEU A 103 26.50 20.85 -18.52
C LEU A 103 27.37 21.36 -19.67
N GLN A 104 26.94 21.08 -20.91
CA GLN A 104 27.67 21.51 -22.10
C GLN A 104 27.69 23.04 -22.17
N SER A 105 26.58 23.67 -21.75
CA SER A 105 26.43 25.13 -21.79
C SER A 105 26.79 25.76 -20.45
N PHE A 106 27.47 25.00 -19.58
CA PHE A 106 28.02 25.54 -18.35
C PHE A 106 29.54 25.72 -18.50
N PHE A 107 30.19 24.69 -19.06
CA PHE A 107 31.60 24.75 -19.39
C PHE A 107 31.83 25.76 -20.52
N THR A 108 30.85 25.83 -21.44
CA THR A 108 30.86 26.84 -22.48
C THR A 108 30.74 28.22 -21.87
N LYS A 109 29.58 28.52 -21.27
CA LYS A 109 29.30 29.83 -20.71
C LYS A 109 29.97 29.94 -19.34
N MET A 110 31.21 30.45 -19.33
CA MET A 110 31.91 30.74 -18.09
C MET A 110 33.17 31.55 -18.40
N VAL A 129 28.33 15.29 -13.64
CA VAL A 129 26.85 15.12 -13.63
C VAL A 129 26.27 15.84 -12.42
N LEU A 130 24.99 16.23 -12.52
CA LEU A 130 24.33 17.00 -11.47
C LEU A 130 23.88 16.05 -10.36
N ARG A 131 23.75 16.60 -9.15
CA ARG A 131 23.23 15.89 -8.00
C ARG A 131 22.57 16.88 -7.05
N VAL A 132 21.41 16.52 -6.51
CA VAL A 132 20.68 17.39 -5.62
C VAL A 132 21.49 17.56 -4.33
N CYS A 133 21.39 18.76 -3.74
CA CYS A 133 22.13 19.09 -2.54
C CYS A 133 21.54 18.36 -1.34
N GLY A 134 22.36 17.51 -0.71
CA GLY A 134 22.00 16.83 0.53
C GLY A 134 21.28 15.50 0.30
N ARG A 135 21.25 15.04 -0.95
CA ARG A 135 20.46 13.90 -1.34
C ARG A 135 21.23 13.03 -2.34
N ASP A 136 20.99 11.72 -2.25
CA ASP A 136 21.36 10.78 -3.30
C ASP A 136 20.27 10.80 -4.36
N GLU A 137 20.17 11.92 -5.07
CA GLU A 137 19.21 12.09 -6.16
C GLU A 137 19.91 12.83 -7.29
N TYR A 138 19.96 12.20 -8.47
CA TYR A 138 20.74 12.70 -9.59
C TYR A 138 19.80 13.14 -10.72
N LEU A 139 20.24 14.17 -11.44
CA LEU A 139 19.55 14.67 -12.62
C LEU A 139 20.37 14.33 -13.86
N VAL A 140 20.19 13.09 -14.35
CA VAL A 140 21.02 12.53 -15.41
C VAL A 140 20.13 11.83 -16.43
N GLY A 141 20.73 11.44 -17.56
CA GLY A 141 20.06 10.65 -18.58
C GLY A 141 19.39 11.52 -19.64
N GLU A 142 18.87 10.86 -20.68
CA GLU A 142 18.19 11.54 -21.78
C GLU A 142 16.75 11.82 -21.37
N THR A 143 16.58 12.83 -20.50
CA THR A 143 15.27 13.29 -20.07
C THR A 143 15.31 14.81 -20.03
N PRO A 144 14.23 15.53 -20.42
CA PRO A 144 14.15 16.98 -20.20
C PRO A 144 14.01 17.31 -18.72
N ILE A 145 14.48 18.49 -18.34
CA ILE A 145 14.61 18.87 -16.94
C ILE A 145 13.25 18.89 -16.25
N LYS A 146 12.20 19.26 -16.98
CA LYS A 146 10.85 19.37 -16.44
C LYS A 146 10.29 18.00 -16.07
N ASN A 147 10.87 16.93 -16.65
CA ASN A 147 10.38 15.58 -16.46
C ASN A 147 11.11 14.89 -15.30
N PHE A 148 11.80 15.66 -14.45
CA PHE A 148 12.35 15.14 -13.22
C PHE A 148 11.44 15.53 -12.05
N GLN A 149 11.21 14.60 -11.12
CA GLN A 149 10.22 14.78 -10.07
C GLN A 149 10.72 15.76 -9.01
N TRP A 150 12.04 15.80 -8.79
CA TRP A 150 12.61 16.71 -7.81
C TRP A 150 12.38 18.16 -8.24
N VAL A 151 12.51 18.41 -9.54
CA VAL A 151 12.25 19.73 -10.11
C VAL A 151 10.80 20.12 -9.80
N ARG A 152 9.87 19.23 -10.18
CA ARG A 152 8.44 19.49 -10.04
C ARG A 152 8.09 19.73 -8.57
N HIS A 153 8.82 19.06 -7.67
CA HIS A 153 8.60 19.22 -6.23
C HIS A 153 8.95 20.64 -5.79
N CYS A 154 10.11 21.13 -6.24
CA CYS A 154 10.59 22.47 -5.91
C CYS A 154 9.65 23.54 -6.46
N LEU A 155 9.17 23.33 -7.69
CA LEU A 155 8.26 24.27 -8.34
C LEU A 155 6.95 24.37 -7.56
N LYS A 156 6.43 23.23 -7.10
CA LYS A 156 5.14 23.19 -6.42
C LYS A 156 5.24 23.93 -5.09
N ASN A 157 6.32 23.66 -4.34
CA ASN A 157 6.52 24.23 -3.01
C ASN A 157 7.15 25.62 -3.13
N GLY A 158 7.51 26.03 -4.36
CA GLY A 158 8.00 27.37 -4.62
C GLY A 158 9.41 27.57 -4.08
N GLU A 159 10.34 26.76 -4.58
CA GLU A 159 11.69 26.68 -4.04
C GLU A 159 12.71 26.58 -5.17
N GLU A 160 13.96 26.93 -4.84
CA GLU A 160 15.04 27.00 -5.81
C GLU A 160 15.72 25.64 -5.91
N ILE A 161 16.38 25.40 -7.05
CA ILE A 161 16.84 24.08 -7.44
C ILE A 161 18.36 24.02 -7.36
N HIS A 162 18.88 23.81 -6.14
CA HIS A 162 20.31 23.80 -5.91
C HIS A 162 20.86 22.39 -6.17
N VAL A 163 21.91 22.31 -7.00
CA VAL A 163 22.60 21.06 -7.27
C VAL A 163 24.08 21.22 -6.93
N VAL A 164 24.82 20.11 -7.04
CA VAL A 164 26.27 20.11 -6.91
C VAL A 164 26.84 19.23 -8.03
N LEU A 165 27.88 19.74 -8.72
CA LEU A 165 28.53 18.98 -9.77
C LEU A 165 29.59 18.08 -9.13
N ASP A 166 29.37 16.76 -9.23
CA ASP A 166 30.34 15.77 -8.80
C ASP A 166 30.34 14.62 -9.81
N THR A 167 31.31 13.71 -9.67
CA THR A 167 31.51 12.61 -10.61
C THR A 167 30.46 11.53 -10.33
N PRO A 168 29.94 10.82 -11.36
CA PRO A 168 28.97 9.74 -11.14
C PRO A 168 29.54 8.61 -10.28
N PRO A 169 28.71 7.97 -9.42
CA PRO A 169 29.18 6.85 -8.60
C PRO A 169 29.51 5.63 -9.45
N ASP A 170 30.50 4.85 -8.99
CA ASP A 170 31.03 3.72 -9.74
C ASP A 170 29.95 2.64 -9.82
N PRO A 171 29.59 2.16 -11.03
CA PRO A 171 28.68 1.02 -11.17
C PRO A 171 29.21 -0.35 -10.72
N ALA A 172 30.50 -0.41 -10.37
CA ALA A 172 31.12 -1.63 -9.88
C ALA A 172 30.63 -1.94 -8.45
N LEU A 173 30.21 -0.90 -7.73
CA LEU A 173 29.74 -1.02 -6.36
C LEU A 173 28.43 -1.81 -6.31
N ASP A 174 27.72 -1.89 -7.45
CA ASP A 174 26.48 -2.62 -7.57
C ASP A 174 26.73 -3.99 -8.21
N GLU A 175 27.88 -4.59 -7.87
CA GLU A 175 28.26 -5.89 -8.39
C GLU A 175 27.37 -6.96 -7.76
N VAL A 176 27.15 -8.06 -8.49
CA VAL A 176 26.30 -9.14 -8.02
C VAL A 176 27.15 -10.40 -7.84
N ARG A 177 26.79 -11.19 -6.81
CA ARG A 177 27.52 -12.37 -6.42
C ARG A 177 27.17 -13.53 -7.37
N CYS A 215 -8.85 -38.30 -16.01
CA CYS A 215 -9.76 -39.33 -15.45
C CYS A 215 -11.19 -38.83 -15.49
N ASP A 216 -12.13 -39.77 -15.73
CA ASP A 216 -13.55 -39.49 -15.61
C ASP A 216 -14.02 -39.78 -14.18
N ARG A 217 -13.14 -40.40 -13.39
CA ARG A 217 -13.38 -40.67 -11.98
C ARG A 217 -13.69 -39.35 -11.25
N LYS A 218 -14.69 -39.37 -10.36
CA LYS A 218 -15.01 -38.24 -9.53
C LYS A 218 -13.90 -38.03 -8.50
N PHE A 219 -13.75 -36.77 -8.03
CA PHE A 219 -12.74 -36.44 -7.04
C PHE A 219 -13.18 -36.97 -5.67
N ARG A 220 -12.19 -37.37 -4.86
CA ARG A 220 -12.43 -38.12 -3.65
C ARG A 220 -11.31 -37.83 -2.66
N VAL A 221 -11.66 -37.63 -1.39
CA VAL A 221 -10.68 -37.35 -0.35
C VAL A 221 -11.10 -38.03 0.95
N LYS A 222 -10.14 -38.73 1.56
CA LYS A 222 -10.34 -39.42 2.83
C LYS A 222 -10.03 -38.44 3.96
N ILE A 223 -11.01 -38.19 4.83
CA ILE A 223 -10.81 -37.38 6.01
C ILE A 223 -10.58 -38.30 7.20
N ARG A 224 -9.31 -38.48 7.58
CA ARG A 224 -8.92 -39.43 8.61
C ARG A 224 -9.38 -38.95 9.98
N GLY A 225 -9.13 -37.68 10.29
CA GLY A 225 -9.53 -37.09 11.55
C GLY A 225 -8.74 -35.82 11.88
N ILE A 226 -9.08 -35.18 13.01
CA ILE A 226 -8.45 -33.94 13.43
C ILE A 226 -7.85 -34.13 14.82
N ASP A 227 -6.80 -33.36 15.10
CA ASP A 227 -6.02 -33.53 16.32
C ASP A 227 -5.73 -32.17 16.94
N ILE A 228 -6.52 -31.79 17.95
CA ILE A 228 -6.29 -30.58 18.73
C ILE A 228 -5.61 -31.00 20.04
N PRO A 229 -4.34 -30.59 20.27
CA PRO A 229 -3.61 -30.97 21.48
C PRO A 229 -4.34 -30.69 22.79
N VAL A 230 -5.00 -29.52 22.87
CA VAL A 230 -5.73 -29.13 24.08
C VAL A 230 -7.00 -28.38 23.66
N LEU A 231 -8.13 -28.77 24.27
CA LEU A 231 -9.40 -28.07 24.09
C LEU A 231 -9.37 -26.74 24.84
N PRO A 232 -9.09 -26.70 26.16
CA PRO A 232 -9.00 -25.43 26.89
C PRO A 232 -7.62 -24.77 26.78
N LEU A 237 -19.71 -29.80 23.33
CA LEU A 237 -19.77 -29.35 21.90
C LEU A 237 -19.60 -30.56 20.98
N THR A 238 -19.82 -30.33 19.69
CA THR A 238 -19.64 -31.33 18.65
C THR A 238 -19.00 -30.64 17.43
N VAL A 239 -18.23 -31.39 16.63
CA VAL A 239 -17.53 -30.83 15.49
C VAL A 239 -17.82 -31.65 14.24
N PHE A 240 -17.68 -30.98 13.07
CA PHE A 240 -17.72 -31.64 11.77
C PHE A 240 -16.74 -30.92 10.84
N VAL A 241 -16.24 -31.65 9.83
CA VAL A 241 -15.29 -31.10 8.89
C VAL A 241 -16.03 -30.80 7.59
N GLU A 242 -15.68 -29.68 6.95
CA GLU A 242 -16.25 -29.29 5.68
C GLU A 242 -15.12 -29.14 4.66
N ALA A 243 -15.25 -29.84 3.53
CA ALA A 243 -14.25 -29.83 2.47
C ALA A 243 -14.86 -29.20 1.21
N ASN A 244 -14.35 -28.03 0.81
CA ASN A 244 -14.85 -27.32 -0.35
C ASN A 244 -13.81 -27.35 -1.46
N ILE A 245 -14.27 -27.47 -2.71
CA ILE A 245 -13.40 -27.25 -3.86
C ILE A 245 -13.69 -25.85 -4.38
N GLN A 246 -12.72 -24.94 -4.20
CA GLN A 246 -12.86 -23.54 -4.56
C GLN A 246 -11.97 -23.19 -5.75
N HIS A 247 -12.47 -22.27 -6.58
CA HIS A 247 -11.68 -21.62 -7.61
C HIS A 247 -12.01 -20.13 -7.55
N GLY A 248 -11.01 -19.30 -7.25
CA GLY A 248 -11.26 -17.92 -6.90
C GLY A 248 -11.90 -17.86 -5.52
N GLN A 249 -13.14 -17.37 -5.47
CA GLN A 249 -13.93 -17.45 -4.25
C GLN A 249 -15.34 -17.91 -4.60
N GLN A 250 -15.44 -18.83 -5.56
CA GLN A 250 -16.67 -19.56 -5.83
C GLN A 250 -16.41 -21.03 -5.49
N VAL A 251 -17.26 -21.59 -4.61
CA VAL A 251 -17.23 -23.00 -4.30
C VAL A 251 -17.80 -23.77 -5.49
N LEU A 252 -16.96 -24.59 -6.13
CA LEU A 252 -17.41 -25.48 -7.19
C LEU A 252 -18.30 -26.57 -6.58
N CYS A 253 -17.70 -27.37 -5.70
CA CYS A 253 -18.39 -28.50 -5.08
C CYS A 253 -18.09 -28.49 -3.58
N GLN A 254 -18.98 -29.09 -2.79
CA GLN A 254 -18.89 -29.06 -1.34
C GLN A 254 -19.47 -30.34 -0.74
N ARG A 255 -18.71 -30.97 0.18
CA ARG A 255 -19.15 -32.12 0.94
C ARG A 255 -18.77 -31.93 2.41
N ARG A 256 -19.43 -32.70 3.29
CA ARG A 256 -19.32 -32.52 4.73
C ARG A 256 -19.29 -33.90 5.41
N THR A 257 -18.59 -33.99 6.56
CA THR A 257 -18.65 -35.18 7.39
C THR A 257 -19.84 -35.10 8.34
N SER A 258 -20.20 -36.26 8.90
CA SER A 258 -21.13 -36.34 10.01
C SER A 258 -20.49 -35.69 11.24
N PRO A 259 -21.27 -35.23 12.23
CA PRO A 259 -20.70 -34.67 13.46
C PRO A 259 -20.23 -35.76 14.41
N LYS A 260 -19.16 -35.47 15.16
CA LYS A 260 -18.66 -36.34 16.22
C LYS A 260 -18.31 -35.51 17.44
N PRO A 261 -18.50 -36.03 18.68
CA PRO A 261 -18.11 -35.33 19.90
C PRO A 261 -16.68 -34.79 19.82
N PHE A 262 -16.49 -33.55 20.30
CA PHE A 262 -15.22 -32.86 20.19
C PHE A 262 -14.25 -33.41 21.23
N THR A 263 -13.20 -34.11 20.74
CA THR A 263 -12.17 -34.68 21.59
C THR A 263 -10.82 -34.16 21.10
N GLU A 264 -9.76 -34.38 21.88
CA GLU A 264 -8.40 -34.06 21.46
C GLU A 264 -8.02 -34.88 20.22
N GLU A 265 -8.75 -35.97 19.98
CA GLU A 265 -8.58 -36.76 18.76
C GLU A 265 -9.95 -37.25 18.28
N VAL A 266 -10.37 -36.72 17.12
CA VAL A 266 -11.54 -37.21 16.41
C VAL A 266 -11.05 -37.96 15.17
N LEU A 267 -11.65 -39.13 14.90
CA LEU A 267 -11.35 -39.89 13.70
C LEU A 267 -12.66 -40.29 13.02
N TRP A 268 -12.85 -39.82 11.78
CA TRP A 268 -13.97 -40.19 10.95
C TRP A 268 -13.58 -41.37 10.06
N ASN A 269 -12.48 -41.17 9.33
CA ASN A 269 -11.97 -42.14 8.37
C ASN A 269 -13.02 -42.41 7.31
N VAL A 270 -13.42 -41.36 6.58
CA VAL A 270 -14.48 -41.44 5.58
C VAL A 270 -13.99 -40.85 4.26
N TRP A 271 -14.44 -41.45 3.16
CA TRP A 271 -14.30 -40.88 1.83
C TRP A 271 -15.39 -39.85 1.61
N LEU A 272 -14.97 -38.61 1.30
CA LEU A 272 -15.86 -37.59 0.77
C LEU A 272 -15.77 -37.66 -0.76
N GLU A 273 -16.81 -38.22 -1.39
CA GLU A 273 -16.90 -38.28 -2.83
C GLU A 273 -17.60 -37.02 -3.34
N PHE A 274 -16.87 -36.22 -4.12
CA PHE A 274 -17.44 -35.03 -4.75
C PHE A 274 -18.13 -35.45 -6.06
N SER A 275 -18.90 -34.52 -6.62
CA SER A 275 -19.59 -34.74 -7.89
C SER A 275 -18.63 -34.45 -9.04
N ILE A 276 -17.95 -33.30 -8.97
CA ILE A 276 -17.03 -32.85 -10.00
C ILE A 276 -16.06 -33.98 -10.36
N LYS A 277 -15.85 -34.18 -11.67
CA LYS A 277 -14.88 -35.13 -12.17
C LYS A 277 -13.47 -34.59 -11.91
N ILE A 278 -12.48 -35.46 -12.08
CA ILE A 278 -11.09 -35.10 -11.85
C ILE A 278 -10.57 -34.31 -13.06
N LYS A 279 -11.08 -34.63 -14.25
CA LYS A 279 -10.67 -33.96 -15.47
C LYS A 279 -11.16 -32.50 -15.47
N ASP A 280 -12.26 -32.24 -14.76
CA ASP A 280 -12.88 -30.92 -14.76
C ASP A 280 -12.29 -30.03 -13.65
N LEU A 281 -11.32 -30.56 -12.89
CA LEU A 281 -10.60 -29.75 -11.93
C LEU A 281 -9.72 -28.75 -12.68
N PRO A 282 -9.88 -27.42 -12.44
CA PRO A 282 -9.00 -26.41 -13.02
C PRO A 282 -7.76 -26.13 -12.16
N LYS A 283 -6.72 -25.57 -12.79
CA LYS A 283 -5.51 -25.23 -12.07
C LYS A 283 -5.73 -23.95 -11.26
N GLY A 284 -5.30 -23.97 -10.01
CA GLY A 284 -5.60 -22.91 -9.05
C GLY A 284 -6.73 -23.31 -8.09
N ALA A 285 -7.31 -24.50 -8.32
CA ALA A 285 -8.34 -25.03 -7.46
C ALA A 285 -7.74 -25.38 -6.09
N LEU A 286 -8.39 -24.89 -5.02
CA LEU A 286 -8.02 -25.18 -3.64
C LEU A 286 -8.94 -26.24 -3.07
N LEU A 287 -8.39 -27.15 -2.26
CA LEU A 287 -9.18 -27.90 -1.32
C LEU A 287 -9.16 -27.15 0.01
N ASN A 288 -10.32 -26.58 0.37
CA ASN A 288 -10.46 -25.82 1.60
C ASN A 288 -11.13 -26.69 2.66
N LEU A 289 -10.32 -27.13 3.64
CA LEU A 289 -10.79 -27.91 4.77
C LEU A 289 -11.13 -26.95 5.91
N GLN A 290 -12.37 -27.07 6.41
CA GLN A 290 -12.84 -26.21 7.49
C GLN A 290 -13.41 -27.08 8.61
N ILE A 291 -13.16 -26.69 9.86
CA ILE A 291 -13.73 -27.37 11.02
C ILE A 291 -14.76 -26.45 11.66
N TYR A 292 -15.96 -26.99 11.92
CA TYR A 292 -17.04 -26.24 12.51
C TYR A 292 -17.43 -26.83 13.86
N CYS A 293 -18.11 -26.00 14.66
CA CYS A 293 -18.55 -26.37 16.00
C CYS A 293 -20.07 -26.49 16.03
N GLY A 294 -20.62 -26.93 17.17
CA GLY A 294 -22.06 -27.12 17.32
C GLY A 294 -22.44 -27.33 18.79
N VAL A 316 -23.64 -23.12 15.08
CA VAL A 316 -22.61 -23.59 14.11
C VAL A 316 -21.61 -22.45 13.87
N GLN A 317 -20.32 -22.73 14.09
CA GLN A 317 -19.27 -21.73 14.03
C GLN A 317 -17.99 -22.35 13.45
N LEU A 318 -17.33 -21.62 12.55
CA LEU A 318 -16.05 -22.02 11.99
C LEU A 318 -14.94 -21.75 13.00
N LEU A 319 -14.06 -22.73 13.20
CA LEU A 319 -13.01 -22.67 14.21
C LEU A 319 -11.64 -22.64 13.56
N TYR A 320 -11.44 -23.49 12.55
CA TYR A 320 -10.13 -23.66 11.92
C TYR A 320 -10.31 -23.83 10.41
N TYR A 321 -9.28 -23.45 9.66
CA TYR A 321 -9.29 -23.60 8.22
C TYR A 321 -7.87 -23.94 7.74
N VAL A 322 -7.79 -24.45 6.50
CA VAL A 322 -6.52 -24.77 5.86
C VAL A 322 -6.80 -25.14 4.41
N ASN A 323 -5.83 -24.87 3.53
CA ASN A 323 -6.02 -25.01 2.10
C ASN A 323 -4.90 -25.84 1.48
N LEU A 324 -5.23 -26.54 0.38
CA LEU A 324 -4.29 -27.38 -0.33
C LEU A 324 -4.58 -27.29 -1.83
N LEU A 325 -3.56 -26.91 -2.61
CA LEU A 325 -3.66 -26.91 -4.06
C LEU A 325 -3.89 -28.34 -4.55
N LEU A 326 -5.05 -28.57 -5.17
CA LEU A 326 -5.39 -29.88 -5.71
C LEU A 326 -4.50 -30.20 -6.90
N ILE A 327 -4.29 -29.22 -7.78
CA ILE A 327 -3.29 -29.32 -8.83
C ILE A 327 -2.03 -28.61 -8.34
N ASP A 328 -0.90 -29.33 -8.30
CA ASP A 328 0.33 -28.77 -7.75
C ASP A 328 1.01 -27.92 -8.82
N HIS A 329 2.21 -27.44 -8.50
CA HIS A 329 2.93 -26.45 -9.30
C HIS A 329 3.54 -27.06 -10.56
N ARG A 330 3.53 -28.39 -10.68
CA ARG A 330 3.99 -29.06 -11.89
C ARG A 330 2.82 -29.64 -12.68
N PHE A 331 1.62 -29.09 -12.44
CA PHE A 331 0.39 -29.53 -13.10
C PHE A 331 0.04 -30.97 -12.72
N LEU A 332 0.50 -31.41 -11.55
CA LEU A 332 0.27 -32.78 -11.10
C LEU A 332 -0.82 -32.77 -10.03
N LEU A 333 -1.79 -33.68 -10.17
CA LEU A 333 -2.82 -33.85 -9.16
C LEU A 333 -2.16 -34.22 -7.83
N ARG A 334 -2.57 -33.52 -6.77
CA ARG A 334 -2.10 -33.78 -5.41
C ARG A 334 -2.52 -35.19 -5.01
N ARG A 335 -1.58 -35.96 -4.44
CA ARG A 335 -1.91 -37.27 -3.89
C ARG A 335 -1.00 -37.60 -2.73
N GLY A 336 -1.44 -38.57 -1.90
CA GLY A 336 -0.66 -39.07 -0.79
C GLY A 336 -1.26 -38.68 0.56
N GLU A 337 -0.45 -38.87 1.62
CA GLU A 337 -0.86 -38.59 2.98
C GLU A 337 -0.45 -37.17 3.35
N TYR A 338 -1.32 -36.47 4.10
CA TYR A 338 -1.10 -35.08 4.45
C TYR A 338 -1.57 -34.85 5.88
N VAL A 339 -0.74 -34.14 6.66
CA VAL A 339 -1.06 -33.80 8.04
C VAL A 339 -0.88 -32.29 8.20
N LEU A 340 -1.97 -31.56 8.02
CA LEU A 340 -1.96 -30.11 7.81
C LEU A 340 -2.26 -29.39 9.13
N HIS A 341 -1.37 -28.48 9.54
CA HIS A 341 -1.63 -27.66 10.71
C HIS A 341 -2.45 -26.44 10.30
N MET A 342 -3.53 -26.19 11.05
CA MET A 342 -4.62 -25.34 10.61
C MET A 342 -4.55 -23.97 11.29
N TRP A 343 -5.15 -22.98 10.63
CA TRP A 343 -5.20 -21.62 11.12
C TRP A 343 -6.45 -21.44 11.99
N GLN A 344 -6.29 -20.69 13.08
CA GLN A 344 -7.38 -20.43 14.01
C GLN A 344 -8.23 -19.27 13.49
N ILE A 345 -9.43 -19.13 14.05
CA ILE A 345 -10.34 -18.03 13.71
C ILE A 345 -10.48 -17.12 14.92
N SER A 346 -10.58 -15.81 14.65
CA SER A 346 -10.87 -14.81 15.65
C SER A 346 -12.12 -14.03 15.24
N GLY A 347 -13.24 -14.32 15.92
CA GLY A 347 -14.52 -13.72 15.60
C GLY A 347 -14.64 -12.32 16.16
N SER A 354 -16.20 -13.58 6.27
CA SER A 354 -15.47 -12.32 5.95
C SER A 354 -14.51 -12.55 4.79
N PHE A 355 -14.17 -11.46 4.09
CA PHE A 355 -13.22 -11.47 2.99
C PHE A 355 -11.85 -11.07 3.53
N ASN A 356 -11.07 -12.06 3.99
CA ASN A 356 -9.72 -11.83 4.45
C ASN A 356 -8.78 -12.74 3.66
N ALA A 357 -7.75 -12.14 3.06
CA ALA A 357 -6.90 -12.83 2.11
C ALA A 357 -6.00 -13.86 2.80
N ASP A 358 -5.92 -13.81 4.13
CA ASP A 358 -5.25 -14.84 4.90
C ASP A 358 -6.02 -16.16 4.80
N LYS A 359 -7.33 -16.08 4.51
CA LYS A 359 -8.17 -17.26 4.37
C LYS A 359 -7.86 -18.01 3.06
N LEU A 360 -7.08 -17.39 2.16
CA LEU A 360 -6.81 -17.99 0.86
C LEU A 360 -5.48 -18.75 0.86
N THR A 361 -4.63 -18.52 1.87
CA THR A 361 -3.25 -18.94 1.84
C THR A 361 -3.12 -20.46 1.72
N SER A 362 -2.07 -20.90 1.03
CA SER A 362 -1.73 -22.31 0.91
C SER A 362 -0.71 -22.71 1.98
N ALA A 363 -0.20 -21.72 2.73
CA ALA A 363 0.71 -21.99 3.83
C ALA A 363 -0.05 -22.67 4.96
N THR A 364 0.67 -23.48 5.74
CA THR A 364 0.12 -24.12 6.93
C THR A 364 0.70 -23.46 8.17
N ASN A 365 -0.05 -23.55 9.27
CA ASN A 365 0.33 -22.96 10.55
C ASN A 365 1.68 -23.54 10.96
N PRO A 366 2.73 -22.71 11.17
CA PRO A 366 4.04 -23.20 11.60
C PRO A 366 4.09 -23.71 13.04
N ASP A 367 3.19 -23.21 13.89
CA ASP A 367 3.09 -23.60 15.28
C ASP A 367 2.40 -24.95 15.38
N LYS A 368 3.18 -26.03 15.28
CA LYS A 368 2.64 -27.38 15.25
C LYS A 368 2.25 -27.84 16.64
N GLU A 369 2.84 -27.22 17.66
CA GLU A 369 2.67 -27.65 19.05
C GLU A 369 1.26 -27.32 19.52
N ASN A 370 0.78 -26.11 19.21
CA ASN A 370 -0.45 -25.59 19.81
C ASN A 370 -1.64 -25.71 18.86
N SER A 371 -1.37 -25.84 17.55
CA SER A 371 -2.38 -25.64 16.53
C SER A 371 -3.15 -26.93 16.24
N MET A 372 -4.38 -26.75 15.73
CA MET A 372 -5.23 -27.84 15.28
C MET A 372 -4.62 -28.46 14.03
N SER A 373 -4.77 -29.78 13.90
CA SER A 373 -4.21 -30.55 12.80
C SER A 373 -5.34 -31.29 12.09
N ILE A 374 -5.15 -31.62 10.81
CA ILE A 374 -6.07 -32.48 10.10
C ILE A 374 -5.28 -33.42 9.19
N SER A 375 -5.80 -34.65 9.06
CA SER A 375 -5.12 -35.70 8.33
C SER A 375 -6.04 -36.23 7.23
N ILE A 376 -5.51 -36.28 6.00
CA ILE A 376 -6.30 -36.61 4.83
C ILE A 376 -5.50 -37.54 3.93
N LEU A 377 -6.18 -38.17 2.96
CA LEU A 377 -5.54 -39.01 1.97
C LEU A 377 -6.15 -38.77 0.60
N LEU A 378 -5.28 -38.62 -0.41
CA LEU A 378 -5.67 -38.47 -1.79
C LEU A 378 -5.12 -39.65 -2.59
N ASP A 379 -6.01 -40.56 -3.01
CA ASP A 379 -5.61 -41.81 -3.65
C ASP A 379 -5.64 -41.69 -5.17
N ASN A 380 -6.50 -40.79 -5.69
CA ASN A 380 -6.81 -40.72 -7.10
C ASN A 380 -5.66 -40.05 -7.87
N TYR A 381 -5.34 -40.62 -9.04
CA TYR A 381 -4.38 -40.02 -9.97
C TYR A 381 -4.49 -40.72 -11.33
N ALA A 403 -23.34 -14.45 -36.26
CA ALA A 403 -24.71 -14.21 -35.76
C ALA A 403 -24.86 -12.75 -35.32
N GLU A 404 -26.10 -12.24 -35.39
CA GLU A 404 -26.43 -10.87 -35.03
C GLU A 404 -26.66 -10.75 -33.53
N MET A 405 -27.33 -9.67 -33.10
CA MET A 405 -27.76 -9.53 -31.72
C MET A 405 -28.93 -8.54 -31.62
N PRO A 406 -30.08 -8.96 -31.03
CA PRO A 406 -31.20 -8.05 -30.76
C PRO A 406 -30.80 -6.82 -29.96
N ASN A 407 -31.55 -5.73 -30.16
CA ASN A 407 -31.12 -4.43 -29.71
C ASN A 407 -31.39 -4.28 -28.22
N GLN A 408 -32.39 -5.02 -27.70
CA GLN A 408 -32.80 -4.88 -26.32
C GLN A 408 -31.90 -5.74 -25.43
N LEU A 409 -31.31 -6.79 -26.03
CA LEU A 409 -30.33 -7.63 -25.36
C LEU A 409 -28.99 -6.91 -25.27
N ARG A 410 -28.64 -6.22 -26.35
CA ARG A 410 -27.42 -5.42 -26.39
C ARG A 410 -27.44 -4.41 -25.26
N LYS A 411 -28.62 -3.87 -24.94
CA LYS A 411 -28.75 -2.82 -23.95
C LYS A 411 -28.86 -3.43 -22.54
N GLN A 412 -29.29 -4.70 -22.44
CA GLN A 412 -29.21 -5.43 -21.19
C GLN A 412 -27.75 -5.79 -20.92
N LEU A 413 -27.03 -6.16 -22.00
CA LEU A 413 -25.63 -6.52 -21.92
C LEU A 413 -24.80 -5.30 -21.55
N GLU A 414 -25.06 -4.16 -22.21
CA GLU A 414 -24.28 -2.95 -22.01
C GLU A 414 -24.59 -2.33 -20.65
N ALA A 415 -25.82 -2.52 -20.15
CA ALA A 415 -26.18 -2.15 -18.80
C ALA A 415 -25.32 -2.90 -17.78
N ILE A 416 -25.06 -4.19 -18.06
CA ILE A 416 -24.24 -5.03 -17.20
C ILE A 416 -22.78 -4.58 -17.27
N ILE A 417 -22.26 -4.43 -18.50
CA ILE A 417 -20.86 -4.05 -18.70
C ILE A 417 -20.59 -2.71 -18.01
N ALA A 418 -21.59 -1.83 -17.98
CA ALA A 418 -21.44 -0.48 -17.46
C ALA A 418 -21.42 -0.45 -15.94
N THR A 419 -21.95 -1.49 -15.29
CA THR A 419 -22.15 -1.51 -13.85
C THR A 419 -20.78 -1.55 -13.14
N ASP A 420 -20.79 -1.23 -11.84
CA ASP A 420 -19.58 -1.05 -11.06
C ASP A 420 -18.98 -2.40 -10.67
N PRO A 421 -17.74 -2.45 -10.12
CA PRO A 421 -17.08 -3.71 -9.80
C PRO A 421 -17.63 -4.49 -8.61
N LEU A 422 -18.46 -3.85 -7.77
CA LEU A 422 -19.02 -4.50 -6.61
C LEU A 422 -20.51 -4.78 -6.81
N ASN A 423 -21.01 -4.56 -8.02
CA ASN A 423 -22.39 -4.89 -8.36
C ASN A 423 -22.44 -6.36 -8.76
N PRO A 424 -23.13 -7.23 -7.99
CA PRO A 424 -23.09 -8.67 -8.24
C PRO A 424 -23.78 -9.04 -9.55
N LEU A 425 -23.43 -10.20 -10.09
CA LEU A 425 -24.04 -10.73 -11.30
C LEU A 425 -25.04 -11.81 -10.93
N THR A 426 -26.30 -11.61 -11.33
CA THR A 426 -27.28 -12.68 -11.33
C THR A 426 -26.86 -13.72 -12.36
N ALA A 427 -27.35 -14.95 -12.22
CA ALA A 427 -27.06 -16.01 -13.17
C ALA A 427 -27.62 -15.65 -14.55
N GLU A 428 -28.67 -14.82 -14.57
CA GLU A 428 -29.25 -14.35 -15.82
C GLU A 428 -28.24 -13.51 -16.58
N ASP A 429 -27.54 -12.62 -15.85
CA ASP A 429 -26.50 -11.77 -16.41
C ASP A 429 -25.39 -12.62 -17.00
N LYS A 430 -24.99 -13.67 -16.26
CA LYS A 430 -23.80 -14.46 -16.57
C LYS A 430 -24.01 -15.32 -17.81
N GLU A 431 -25.22 -15.86 -17.97
CA GLU A 431 -25.54 -16.64 -19.15
C GLU A 431 -25.48 -15.76 -20.40
N LEU A 432 -25.78 -14.46 -20.21
CA LEU A 432 -25.84 -13.51 -21.32
C LEU A 432 -24.43 -13.10 -21.74
N LEU A 433 -23.61 -12.72 -20.74
CA LEU A 433 -22.19 -12.42 -20.96
C LEU A 433 -21.48 -13.58 -21.62
N TRP A 434 -21.78 -14.81 -21.16
CA TRP A 434 -21.11 -15.99 -21.69
C TRP A 434 -21.54 -16.25 -23.12
N HIS A 435 -22.87 -16.21 -23.35
CA HIS A 435 -23.42 -16.56 -24.66
C HIS A 435 -22.92 -15.58 -25.72
N PHE A 436 -22.87 -14.30 -25.37
CA PHE A 436 -22.33 -13.26 -26.24
C PHE A 436 -20.95 -12.85 -25.72
N ARG A 437 -20.03 -13.82 -25.67
CA ARG A 437 -18.71 -13.59 -25.11
C ARG A 437 -17.80 -12.92 -26.16
N TYR A 438 -18.03 -13.21 -27.44
CA TYR A 438 -17.20 -12.65 -28.51
C TYR A 438 -17.56 -11.19 -28.73
N GLU A 439 -18.80 -10.81 -28.40
CA GLU A 439 -19.23 -9.43 -28.44
C GLU A 439 -18.71 -8.70 -27.20
N SER A 440 -18.64 -9.42 -26.08
CA SER A 440 -18.16 -8.86 -24.81
C SER A 440 -16.65 -8.61 -24.83
N LEU A 441 -15.92 -9.29 -25.73
CA LEU A 441 -14.47 -9.13 -25.85
C LEU A 441 -14.12 -7.75 -26.43
N LYS A 442 -15.03 -7.17 -27.22
CA LYS A 442 -14.78 -5.88 -27.85
C LYS A 442 -14.78 -4.75 -26.83
N HIS A 443 -15.36 -5.01 -25.64
CA HIS A 443 -15.33 -4.08 -24.54
C HIS A 443 -14.40 -4.60 -23.44
N PRO A 444 -13.21 -3.98 -23.23
CA PRO A 444 -12.33 -4.35 -22.11
C PRO A 444 -12.94 -4.22 -20.71
N LYS A 445 -13.91 -3.31 -20.55
CA LYS A 445 -14.57 -3.12 -19.27
C LYS A 445 -15.46 -4.31 -18.91
N ALA A 446 -15.62 -5.26 -19.84
CA ALA A 446 -16.45 -6.43 -19.63
C ALA A 446 -15.63 -7.58 -19.01
N TYR A 447 -14.30 -7.49 -19.10
CA TYR A 447 -13.43 -8.63 -18.93
C TYR A 447 -13.61 -9.26 -17.55
N PRO A 448 -13.57 -8.49 -16.44
CA PRO A 448 -13.81 -9.05 -15.10
C PRO A 448 -15.17 -9.74 -14.99
N LYS A 449 -16.19 -9.09 -15.56
CA LYS A 449 -17.55 -9.60 -15.53
C LYS A 449 -17.64 -10.88 -16.35
N LEU A 450 -16.91 -10.88 -17.49
CA LEU A 450 -17.02 -11.94 -18.48
C LEU A 450 -16.35 -13.21 -17.97
N PHE A 451 -15.16 -13.05 -17.37
CA PHE A 451 -14.38 -14.16 -16.89
C PHE A 451 -14.90 -14.63 -15.53
N SER A 452 -15.79 -13.82 -14.93
CA SER A 452 -16.55 -14.22 -13.77
C SER A 452 -17.85 -14.93 -14.15
N SER A 453 -18.15 -14.98 -15.46
CA SER A 453 -19.34 -15.67 -15.93
C SER A 453 -18.95 -17.06 -16.47
N VAL A 454 -17.75 -17.52 -16.12
CA VAL A 454 -17.23 -18.77 -16.63
C VAL A 454 -17.46 -19.85 -15.58
N LYS A 455 -17.99 -20.99 -16.04
CA LYS A 455 -18.09 -22.19 -15.23
C LYS A 455 -16.72 -22.88 -15.25
N TRP A 456 -15.93 -22.62 -14.21
CA TRP A 456 -14.54 -23.04 -14.15
C TRP A 456 -14.43 -24.53 -13.81
N GLY A 457 -15.51 -25.11 -13.27
CA GLY A 457 -15.56 -26.52 -12.96
C GLY A 457 -16.00 -27.38 -14.13
N GLN A 458 -15.80 -26.89 -15.37
CA GLN A 458 -16.04 -27.66 -16.59
C GLN A 458 -14.87 -27.46 -17.55
N GLN A 459 -14.29 -28.56 -18.03
CA GLN A 459 -13.12 -28.49 -18.90
C GLN A 459 -13.49 -27.86 -20.24
N GLU A 460 -14.66 -28.23 -20.77
CA GLU A 460 -15.13 -27.72 -22.05
C GLU A 460 -15.20 -26.19 -22.03
N ILE A 461 -15.78 -25.63 -20.96
CA ILE A 461 -15.97 -24.19 -20.86
C ILE A 461 -14.61 -23.50 -20.76
N VAL A 462 -13.72 -24.04 -19.93
CA VAL A 462 -12.38 -23.47 -19.75
C VAL A 462 -11.64 -23.48 -21.08
N ALA A 463 -11.77 -24.58 -21.84
CA ALA A 463 -11.14 -24.70 -23.15
C ALA A 463 -11.61 -23.56 -24.05
N LYS A 464 -12.93 -23.34 -24.10
CA LYS A 464 -13.53 -22.29 -24.90
C LYS A 464 -13.08 -20.92 -24.40
N THR A 465 -12.98 -20.79 -23.06
CA THR A 465 -12.51 -19.58 -22.42
C THR A 465 -11.08 -19.27 -22.84
N TYR A 466 -10.29 -20.33 -23.06
CA TYR A 466 -8.89 -20.19 -23.44
C TYR A 466 -8.78 -19.86 -24.92
N GLN A 467 -9.73 -20.36 -25.72
CA GLN A 467 -9.88 -19.95 -27.11
C GLN A 467 -10.24 -18.46 -27.15
N LEU A 468 -11.05 -18.03 -26.16
CA LEU A 468 -11.43 -16.64 -26.02
C LEU A 468 -10.22 -15.78 -25.63
N LEU A 469 -9.23 -16.38 -24.96
CA LEU A 469 -8.00 -15.69 -24.59
C LEU A 469 -6.99 -15.73 -25.73
N ALA A 470 -7.19 -16.61 -26.71
CA ALA A 470 -6.35 -16.62 -27.89
C ALA A 470 -6.59 -15.38 -28.74
N ARG A 471 -7.81 -14.83 -28.62
CA ARG A 471 -8.35 -13.86 -29.56
C ARG A 471 -8.51 -12.51 -28.87
N ARG A 472 -7.38 -11.83 -28.60
CA ARG A 472 -7.39 -10.62 -27.80
C ARG A 472 -6.68 -9.48 -28.53
N GLU A 473 -7.19 -9.09 -29.70
CA GLU A 473 -6.69 -7.90 -30.38
C GLU A 473 -7.00 -6.67 -29.52
N VAL A 474 -8.24 -6.60 -29.02
CA VAL A 474 -8.79 -5.36 -28.46
C VAL A 474 -8.19 -5.08 -27.09
N TRP A 475 -8.06 -6.14 -26.27
CA TRP A 475 -7.43 -6.03 -24.97
C TRP A 475 -6.02 -5.47 -25.11
N ASP A 476 -5.23 -6.11 -25.99
CA ASP A 476 -3.85 -5.71 -26.23
C ASP A 476 -3.78 -4.29 -26.79
N GLN A 477 -4.64 -4.00 -27.78
CA GLN A 477 -4.73 -2.67 -28.38
C GLN A 477 -5.10 -1.62 -27.34
N SER A 478 -5.99 -1.97 -26.39
CA SER A 478 -6.62 -0.99 -25.50
C SER A 478 -5.57 -0.23 -24.69
N ALA A 479 -5.93 0.99 -24.27
CA ALA A 479 -5.09 1.77 -23.38
C ALA A 479 -5.08 1.13 -22.00
N LEU A 480 -4.02 1.41 -21.23
CA LEU A 480 -3.89 0.88 -19.89
C LEU A 480 -4.97 1.48 -19.00
N ASP A 481 -5.84 0.59 -18.48
CA ASP A 481 -6.76 0.93 -17.41
C ASP A 481 -6.35 0.11 -16.19
N VAL A 482 -5.77 0.79 -15.18
CA VAL A 482 -5.22 0.13 -14.03
C VAL A 482 -6.36 -0.36 -13.13
N GLY A 483 -7.44 0.43 -13.05
CA GLY A 483 -8.63 0.03 -12.31
C GLY A 483 -9.20 -1.30 -12.80
N LEU A 484 -9.11 -1.51 -14.12
CA LEU A 484 -9.64 -2.71 -14.78
C LEU A 484 -8.61 -3.83 -14.70
N THR A 485 -7.35 -3.47 -14.90
CA THR A 485 -6.23 -4.40 -14.76
C THR A 485 -6.22 -4.97 -13.34
N MET A 486 -6.41 -4.09 -12.36
CA MET A 486 -6.34 -4.45 -10.95
C MET A 486 -7.46 -5.42 -10.59
N GLN A 487 -8.63 -5.24 -11.22
CA GLN A 487 -9.79 -6.07 -10.94
C GLN A 487 -9.50 -7.54 -11.23
N LEU A 488 -8.64 -7.79 -12.22
CA LEU A 488 -8.32 -9.13 -12.66
C LEU A 488 -7.28 -9.79 -11.76
N LEU A 489 -6.72 -9.03 -10.81
CA LEU A 489 -5.67 -9.53 -9.93
C LEU A 489 -6.16 -9.70 -8.50
N ASP A 490 -7.49 -9.74 -8.29
CA ASP A 490 -8.03 -9.87 -6.95
C ASP A 490 -8.45 -11.31 -6.71
N CYS A 491 -9.13 -11.55 -5.60
CA CYS A 491 -9.47 -12.88 -5.12
C CYS A 491 -10.40 -13.62 -6.08
N ASN A 492 -11.13 -12.86 -6.91
CA ASN A 492 -12.14 -13.42 -7.79
C ASN A 492 -11.49 -14.25 -8.89
N PHE A 493 -10.24 -13.94 -9.24
CA PHE A 493 -9.60 -14.52 -10.41
C PHE A 493 -8.45 -15.40 -9.97
N SER A 494 -8.63 -16.71 -10.17
CA SER A 494 -7.64 -17.71 -9.79
C SER A 494 -6.89 -18.22 -11.01
N ASP A 495 -7.47 -18.03 -12.20
CA ASP A 495 -6.91 -18.57 -13.43
C ASP A 495 -5.59 -17.89 -13.75
N GLU A 496 -4.57 -18.73 -13.99
CA GLU A 496 -3.22 -18.33 -14.35
C GLU A 496 -3.25 -17.34 -15.51
N ASN A 497 -4.07 -17.62 -16.52
CA ASN A 497 -3.99 -16.94 -17.79
C ASN A 497 -4.88 -15.68 -17.77
N VAL A 498 -6.00 -15.73 -17.03
CA VAL A 498 -6.83 -14.55 -16.85
C VAL A 498 -6.03 -13.47 -16.13
N ARG A 499 -5.28 -13.87 -15.11
CA ARG A 499 -4.47 -12.95 -14.33
C ARG A 499 -3.30 -12.44 -15.17
N ALA A 500 -2.73 -13.32 -16.01
CA ALA A 500 -1.49 -13.01 -16.72
C ALA A 500 -1.71 -11.94 -17.80
N ILE A 501 -2.93 -11.84 -18.34
CA ILE A 501 -3.23 -10.80 -19.30
C ILE A 501 -3.23 -9.45 -18.59
N ALA A 502 -3.62 -9.45 -17.31
CA ALA A 502 -3.62 -8.22 -16.52
C ALA A 502 -2.20 -7.73 -16.31
N VAL A 503 -1.30 -8.66 -15.95
CA VAL A 503 0.10 -8.34 -15.71
C VAL A 503 0.72 -7.81 -17.00
N GLN A 504 0.26 -8.35 -18.13
CA GLN A 504 0.66 -7.89 -19.45
C GLN A 504 0.51 -6.37 -19.57
N LYS A 505 -0.62 -5.82 -19.09
CA LYS A 505 -0.88 -4.40 -19.20
C LYS A 505 0.02 -3.61 -18.26
N LEU A 506 0.34 -4.19 -17.10
CA LEU A 506 1.21 -3.55 -16.13
C LEU A 506 2.62 -3.39 -16.70
N GLU A 507 3.01 -4.26 -17.64
CA GLU A 507 4.32 -4.18 -18.26
C GLU A 507 4.55 -2.77 -18.83
N SER A 508 3.48 -2.11 -19.30
CA SER A 508 3.62 -0.85 -20.01
C SER A 508 3.64 0.34 -19.04
N LEU A 509 3.55 0.07 -17.74
CA LEU A 509 3.66 1.13 -16.74
C LEU A 509 5.09 1.66 -16.70
N GLU A 510 5.21 2.98 -16.52
CA GLU A 510 6.50 3.60 -16.26
C GLU A 510 6.77 3.55 -14.77
N ASP A 511 8.06 3.70 -14.41
CA ASP A 511 8.54 3.54 -13.04
C ASP A 511 7.78 4.48 -12.09
N ASP A 512 7.36 5.64 -12.60
CA ASP A 512 6.62 6.62 -11.81
C ASP A 512 5.34 5.98 -11.28
N ASP A 513 4.60 5.32 -12.17
CA ASP A 513 3.30 4.76 -11.85
C ASP A 513 3.44 3.47 -11.05
N VAL A 514 4.50 2.69 -11.32
CA VAL A 514 4.72 1.46 -10.57
C VAL A 514 4.87 1.80 -9.09
N LEU A 515 5.58 2.88 -8.78
CA LEU A 515 5.71 3.37 -7.42
C LEU A 515 4.34 3.72 -6.85
N HIS A 516 3.48 4.34 -7.65
CA HIS A 516 2.14 4.67 -7.20
C HIS A 516 1.38 3.42 -6.78
N TYR A 517 1.62 2.29 -7.47
CA TYR A 517 0.77 1.12 -7.35
C TYR A 517 1.48 -0.03 -6.64
N LEU A 518 2.72 0.21 -6.20
CA LEU A 518 3.59 -0.87 -5.75
C LEU A 518 3.02 -1.59 -4.52
N LEU A 519 2.55 -0.81 -3.54
CA LEU A 519 2.07 -1.38 -2.29
C LEU A 519 0.88 -2.31 -2.56
N GLN A 520 -0.10 -1.82 -3.32
CA GLN A 520 -1.30 -2.58 -3.64
C GLN A 520 -0.96 -3.79 -4.51
N LEU A 521 0.10 -3.66 -5.32
CA LEU A 521 0.55 -4.74 -6.20
C LEU A 521 1.23 -5.83 -5.38
N VAL A 522 1.99 -5.43 -4.36
CA VAL A 522 2.66 -6.36 -3.45
C VAL A 522 1.60 -7.11 -2.62
N GLN A 523 0.54 -6.41 -2.22
CA GLN A 523 -0.53 -7.04 -1.47
C GLN A 523 -1.24 -8.10 -2.32
N ALA A 524 -1.35 -7.84 -3.63
CA ALA A 524 -2.11 -8.67 -4.56
C ALA A 524 -1.41 -10.00 -4.83
N VAL A 525 -0.17 -10.14 -4.36
CA VAL A 525 0.55 -11.42 -4.43
C VAL A 525 -0.15 -12.46 -3.54
N LYS A 526 -0.93 -12.01 -2.56
CA LYS A 526 -1.67 -12.91 -1.69
C LYS A 526 -2.79 -13.60 -2.44
N PHE A 527 -3.33 -12.94 -3.48
CA PHE A 527 -4.46 -13.50 -4.21
C PHE A 527 -4.00 -14.48 -5.28
N GLU A 528 -2.69 -14.52 -5.55
CA GLU A 528 -2.11 -15.47 -6.48
C GLU A 528 -2.20 -16.88 -5.91
N PRO A 529 -2.69 -17.89 -6.67
CA PRO A 529 -2.72 -19.28 -6.21
C PRO A 529 -1.33 -19.88 -5.92
N TYR A 530 -0.38 -19.66 -6.82
CA TYR A 530 0.94 -20.26 -6.72
C TYR A 530 1.96 -19.22 -6.31
N HIS A 531 3.07 -19.67 -5.71
CA HIS A 531 4.12 -18.80 -5.21
C HIS A 531 4.88 -18.16 -6.37
N ASP A 532 5.01 -18.91 -7.48
CA ASP A 532 5.66 -18.42 -8.68
C ASP A 532 4.59 -17.97 -9.67
N SER A 533 4.54 -16.66 -9.91
CA SER A 533 3.49 -16.04 -10.70
C SER A 533 4.09 -14.93 -11.55
N ALA A 534 3.32 -14.48 -12.56
CA ALA A 534 3.73 -13.40 -13.45
C ALA A 534 3.84 -12.08 -12.66
N LEU A 535 2.95 -11.89 -11.69
CA LEU A 535 2.96 -10.68 -10.87
C LEU A 535 4.19 -10.70 -9.96
N ALA A 536 4.41 -11.84 -9.30
CA ALA A 536 5.60 -12.04 -8.49
C ALA A 536 6.84 -11.64 -9.31
N ARG A 537 6.94 -12.18 -10.53
CA ARG A 537 8.09 -11.95 -11.40
C ARG A 537 8.14 -10.49 -11.84
N PHE A 538 6.97 -9.93 -12.18
CA PHE A 538 6.87 -8.53 -12.58
C PHE A 538 7.50 -7.62 -11.54
N LEU A 539 7.16 -7.84 -10.26
CA LEU A 539 7.65 -7.02 -9.16
C LEU A 539 9.16 -7.16 -9.04
N LEU A 540 9.66 -8.39 -9.19
CA LEU A 540 11.07 -8.70 -9.08
C LEU A 540 11.84 -7.98 -10.18
N LYS A 541 11.24 -7.95 -11.38
CA LYS A 541 11.83 -7.29 -12.54
C LYS A 541 11.94 -5.79 -12.27
N ARG A 542 10.82 -5.17 -11.87
CA ARG A 542 10.76 -3.71 -11.79
C ARG A 542 11.53 -3.18 -10.57
N GLY A 543 11.75 -4.05 -9.57
CA GLY A 543 12.55 -3.70 -8.41
C GLY A 543 14.04 -3.78 -8.69
N LEU A 544 14.42 -4.72 -9.57
CA LEU A 544 15.81 -4.93 -9.95
C LEU A 544 16.23 -3.91 -11.00
N ARG A 545 15.25 -3.40 -11.75
CA ARG A 545 15.50 -2.41 -12.79
C ARG A 545 15.71 -1.03 -12.18
N ASN A 546 15.04 -0.75 -11.05
CA ASN A 546 15.00 0.60 -10.46
C ASN A 546 15.22 0.50 -8.96
N LYS A 547 16.20 1.26 -8.45
CA LYS A 547 16.58 1.20 -7.05
C LYS A 547 15.48 1.80 -6.17
N ARG A 548 14.83 2.87 -6.64
CA ARG A 548 13.76 3.48 -5.86
C ARG A 548 12.66 2.44 -5.64
N ILE A 549 12.25 1.78 -6.72
CA ILE A 549 11.24 0.73 -6.63
C ILE A 549 11.75 -0.38 -5.71
N GLY A 550 12.99 -0.83 -5.95
CA GLY A 550 13.57 -1.93 -5.21
C GLY A 550 13.74 -1.63 -3.71
N HIS A 551 14.04 -0.37 -3.38
CA HIS A 551 14.09 0.05 -1.99
C HIS A 551 12.75 -0.16 -1.31
N PHE A 552 11.68 0.24 -2.00
CA PHE A 552 10.33 0.18 -1.44
C PHE A 552 9.79 -1.24 -1.49
N LEU A 553 10.16 -2.00 -2.52
CA LEU A 553 9.77 -3.40 -2.62
C LEU A 553 10.33 -4.17 -1.42
N PHE A 554 11.58 -3.88 -1.04
CA PHE A 554 12.22 -4.47 0.12
C PHE A 554 11.32 -4.33 1.35
N TRP A 555 11.06 -3.08 1.74
CA TRP A 555 10.36 -2.77 2.99
C TRP A 555 8.94 -3.30 2.97
N PHE A 556 8.25 -3.18 1.82
CA PHE A 556 6.91 -3.70 1.68
C PHE A 556 6.90 -5.22 1.89
N LEU A 557 7.90 -5.91 1.31
CA LEU A 557 8.03 -7.34 1.46
C LEU A 557 8.38 -7.67 2.92
N ARG A 558 9.32 -6.92 3.48
CA ARG A 558 9.78 -7.15 4.84
C ARG A 558 8.63 -6.90 5.83
N SER A 559 7.83 -5.87 5.54
CA SER A 559 6.65 -5.55 6.33
C SER A 559 5.79 -6.81 6.58
N GLU A 560 5.44 -7.49 5.48
CA GLU A 560 4.53 -8.62 5.52
C GLU A 560 5.21 -9.84 6.15
N ILE A 561 6.47 -10.07 5.77
CA ILE A 561 7.24 -11.21 6.25
C ILE A 561 7.29 -11.15 7.78
N ALA A 562 7.39 -9.94 8.32
CA ALA A 562 7.64 -9.71 9.73
C ALA A 562 6.36 -9.90 10.57
N GLN A 563 5.19 -9.85 9.94
CA GLN A 563 3.95 -9.97 10.71
C GLN A 563 2.84 -10.60 9.88
N SER A 564 3.19 -11.57 9.02
CA SER A 564 2.23 -12.38 8.31
C SER A 564 2.74 -13.81 8.22
N ARG A 565 2.21 -14.71 9.08
CA ARG A 565 2.55 -16.11 9.01
C ARG A 565 1.93 -16.75 7.76
N HIS A 566 0.77 -16.22 7.36
CA HIS A 566 0.03 -16.74 6.22
C HIS A 566 0.81 -16.55 4.91
N TYR A 567 1.61 -15.48 4.80
CA TYR A 567 2.27 -15.16 3.54
C TYR A 567 3.76 -14.85 3.68
N GLN A 568 4.35 -14.98 4.89
CA GLN A 568 5.76 -14.66 5.05
C GLN A 568 6.62 -15.58 4.19
N GLN A 569 6.17 -16.83 3.99
CA GLN A 569 7.00 -17.81 3.29
C GLN A 569 7.13 -17.43 1.82
N ARG A 570 5.99 -17.07 1.19
CA ARG A 570 5.95 -16.71 -0.21
C ARG A 570 6.74 -15.42 -0.44
N PHE A 571 6.50 -14.43 0.42
CA PHE A 571 7.13 -13.13 0.28
C PHE A 571 8.64 -13.25 0.48
N ALA A 572 9.05 -14.05 1.47
CA ALA A 572 10.46 -14.23 1.80
C ALA A 572 11.24 -14.78 0.61
N VAL A 573 10.60 -15.69 -0.16
CA VAL A 573 11.22 -16.24 -1.36
C VAL A 573 11.40 -15.12 -2.38
N ILE A 574 10.38 -14.25 -2.52
CA ILE A 574 10.45 -13.17 -3.50
C ILE A 574 11.52 -12.18 -3.07
N LEU A 575 11.58 -11.88 -1.77
CA LEU A 575 12.53 -10.90 -1.27
C LEU A 575 13.95 -11.41 -1.47
N GLU A 576 14.17 -12.69 -1.15
CA GLU A 576 15.47 -13.33 -1.32
C GLU A 576 15.96 -13.18 -2.75
N ALA A 577 15.04 -13.40 -3.71
CA ALA A 577 15.35 -13.29 -5.12
C ALA A 577 15.68 -11.85 -5.50
N TYR A 578 15.03 -10.86 -4.86
CA TYR A 578 15.36 -9.46 -5.11
C TYR A 578 16.75 -9.14 -4.56
N LEU A 579 17.01 -9.58 -3.32
CA LEU A 579 18.26 -9.28 -2.63
C LEU A 579 19.47 -9.86 -3.38
N ARG A 580 19.26 -10.98 -4.08
CA ARG A 580 20.35 -11.69 -4.73
C ARG A 580 20.81 -10.98 -6.00
N GLY A 581 20.07 -9.95 -6.45
CA GLY A 581 20.42 -9.26 -7.69
C GLY A 581 20.46 -7.74 -7.59
N CYS A 582 20.20 -7.19 -6.39
CA CYS A 582 20.01 -5.76 -6.23
C CYS A 582 21.34 -5.01 -6.17
N GLY A 583 22.45 -5.74 -5.94
CA GLY A 583 23.77 -5.16 -6.04
C GLY A 583 24.37 -4.86 -4.68
N THR A 584 25.65 -5.22 -4.51
CA THR A 584 26.37 -5.16 -3.24
C THR A 584 26.22 -3.80 -2.58
N ALA A 585 26.13 -2.74 -3.41
CA ALA A 585 25.88 -1.39 -2.94
C ALA A 585 24.69 -1.38 -1.98
N MET A 586 23.57 -1.92 -2.45
CA MET A 586 22.30 -1.78 -1.76
C MET A 586 22.17 -2.81 -0.63
N LEU A 587 22.78 -4.00 -0.81
CA LEU A 587 22.89 -4.96 0.28
C LEU A 587 23.44 -4.26 1.52
N HIS A 588 24.43 -3.39 1.33
CA HIS A 588 25.04 -2.65 2.42
C HIS A 588 24.07 -1.59 2.95
N ASP A 589 23.38 -0.88 2.06
CA ASP A 589 22.40 0.12 2.44
C ASP A 589 21.34 -0.52 3.34
N PHE A 590 20.77 -1.63 2.87
CA PHE A 590 19.73 -2.34 3.57
C PHE A 590 20.24 -2.88 4.91
N THR A 591 21.52 -3.28 4.96
CA THR A 591 22.11 -3.81 6.18
C THR A 591 22.18 -2.71 7.23
N GLN A 592 22.71 -1.54 6.83
CA GLN A 592 22.81 -0.39 7.72
C GLN A 592 21.44 -0.01 8.27
N GLN A 593 20.44 0.02 7.39
CA GLN A 593 19.08 0.39 7.77
C GLN A 593 18.55 -0.62 8.79
N VAL A 594 18.49 -1.90 8.40
CA VAL A 594 17.93 -2.93 9.27
C VAL A 594 18.57 -2.83 10.66
N GLN A 595 19.90 -2.73 10.70
CA GLN A 595 20.62 -2.63 11.96
C GLN A 595 20.04 -1.51 12.80
N VAL A 596 19.91 -0.33 12.18
CA VAL A 596 19.48 0.88 12.86
C VAL A 596 18.06 0.70 13.38
N ILE A 597 17.20 0.05 12.60
CA ILE A 597 15.82 -0.17 12.99
C ILE A 597 15.78 -1.06 14.22
N GLU A 598 16.46 -2.21 14.14
CA GLU A 598 16.42 -3.22 15.17
C GLU A 598 17.01 -2.68 16.48
N MET A 599 18.00 -1.78 16.36
CA MET A 599 18.62 -1.14 17.51
C MET A 599 17.61 -0.22 18.21
N LEU A 600 16.95 0.63 17.41
CA LEU A 600 16.02 1.62 17.94
C LEU A 600 14.74 0.94 18.40
N GLN A 601 14.44 -0.23 17.83
CA GLN A 601 13.35 -1.07 18.31
C GLN A 601 13.55 -1.38 19.79
N LYS A 602 14.67 -2.04 20.13
CA LYS A 602 14.95 -2.43 21.49
C LYS A 602 14.57 -1.30 22.44
N VAL A 603 15.12 -0.11 22.15
CA VAL A 603 14.95 1.06 22.99
C VAL A 603 13.47 1.33 23.23
N THR A 604 12.67 1.37 22.15
CA THR A 604 11.29 1.82 22.22
C THR A 604 10.45 0.92 23.13
N LEU A 605 10.54 -0.40 22.93
CA LEU A 605 9.72 -1.37 23.66
C LEU A 605 10.19 -1.51 25.09
N ASP A 606 11.50 -1.34 25.31
CA ASP A 606 12.07 -1.41 26.64
C ASP A 606 11.62 -0.19 27.46
N ILE A 607 11.64 0.99 26.84
CA ILE A 607 11.21 2.22 27.48
C ILE A 607 9.71 2.20 27.73
N LYS A 608 8.95 1.50 26.87
CA LYS A 608 7.50 1.48 26.98
C LYS A 608 7.06 0.72 28.23
N SER A 609 7.82 -0.32 28.60
CA SER A 609 7.49 -1.16 29.74
C SER A 609 8.11 -0.63 31.03
N LEU A 610 8.84 0.49 30.94
CA LEU A 610 9.49 1.12 32.09
C LEU A 610 8.58 2.17 32.72
N SER A 611 7.39 2.39 32.15
CA SER A 611 6.37 3.25 32.74
C SER A 611 4.98 2.73 32.41
N ALA A 612 4.02 3.01 33.29
CA ALA A 612 2.64 2.57 33.13
C ALA A 612 1.97 3.38 32.02
N GLU A 613 0.88 2.81 31.46
CA GLU A 613 0.14 3.44 30.38
C GLU A 613 -0.55 4.71 30.89
N LYS A 614 -1.04 4.67 32.13
CA LYS A 614 -1.76 5.78 32.73
C LYS A 614 -0.78 6.91 33.09
N TYR A 615 0.37 6.54 33.68
CA TYR A 615 1.39 7.50 34.05
C TYR A 615 2.07 8.06 32.80
N ASP A 616 2.45 9.34 32.87
CA ASP A 616 3.03 10.06 31.74
C ASP A 616 4.56 9.95 31.80
N VAL A 617 5.23 10.71 30.94
CA VAL A 617 6.68 10.80 30.93
C VAL A 617 7.13 11.53 32.20
N SER A 618 8.24 11.08 32.77
CA SER A 618 8.75 11.60 34.04
C SER A 618 10.26 11.81 33.95
N SER A 619 10.87 12.14 35.10
CA SER A 619 12.32 12.20 35.23
C SER A 619 12.94 10.84 34.96
N GLN A 620 12.25 9.78 35.41
CA GLN A 620 12.70 8.40 35.27
C GLN A 620 12.97 8.07 33.79
N VAL A 621 12.04 8.49 32.91
CA VAL A 621 12.00 8.00 31.55
C VAL A 621 13.00 8.77 30.68
N ILE A 622 12.93 10.10 30.73
CA ILE A 622 13.74 10.96 29.86
C ILE A 622 15.22 10.69 30.10
N SER A 623 15.60 10.52 31.37
CA SER A 623 16.97 10.15 31.71
C SER A 623 17.34 8.83 31.06
N GLN A 624 16.49 7.82 31.26
CA GLN A 624 16.74 6.47 30.76
C GLN A 624 16.87 6.45 29.24
N LEU A 625 16.00 7.20 28.54
CA LEU A 625 16.02 7.24 27.09
C LEU A 625 17.36 7.80 26.60
N LYS A 626 17.70 9.02 27.06
CA LYS A 626 18.88 9.72 26.61
C LYS A 626 20.14 8.93 26.97
N GLN A 627 20.08 8.15 28.06
CA GLN A 627 21.18 7.29 28.46
C GLN A 627 21.45 6.24 27.38
N LYS A 628 20.38 5.58 26.91
CA LYS A 628 20.49 4.48 25.95
C LYS A 628 20.94 5.00 24.58
N LEU A 629 20.48 6.20 24.20
CA LEU A 629 20.80 6.76 22.90
C LEU A 629 22.29 7.05 22.78
N GLU A 630 22.93 7.36 23.91
CA GLU A 630 24.36 7.60 23.96
C GLU A 630 25.13 6.29 23.85
N ASN A 631 24.59 5.22 24.45
CA ASN A 631 25.20 3.91 24.42
C ASN A 631 25.26 3.37 22.98
N LEU A 632 24.22 3.67 22.18
CA LEU A 632 24.05 3.07 20.87
C LEU A 632 25.04 3.65 19.86
N GLN A 633 25.25 4.98 19.92
CA GLN A 633 26.08 5.66 18.92
C GLN A 633 27.50 5.09 18.92
N ASN A 634 28.13 5.07 20.10
CA ASN A 634 29.53 4.70 20.21
C ASN A 634 29.72 3.19 20.01
N SER A 635 28.63 2.42 20.06
CA SER A 635 28.67 0.99 19.78
C SER A 635 28.69 0.74 18.27
N GLN A 636 27.77 -0.09 17.76
CA GLN A 636 27.84 -0.57 16.39
C GLN A 636 26.74 0.05 15.53
N LEU A 637 26.38 1.31 15.78
CA LEU A 637 25.43 2.03 14.96
C LEU A 637 26.17 2.68 13.78
N PRO A 638 25.82 2.35 12.51
CA PRO A 638 26.49 2.95 11.35
C PRO A 638 26.50 4.48 11.36
N GLU A 639 27.51 5.05 10.68
CA GLU A 639 27.66 6.49 10.54
C GLU A 639 26.36 7.07 10.00
N SER A 640 25.99 6.65 8.79
CA SER A 640 24.77 7.09 8.13
C SER A 640 23.84 5.90 7.89
N PHE A 641 22.58 6.20 7.59
CA PHE A 641 21.63 5.18 7.17
C PHE A 641 20.51 5.85 6.38
N ARG A 642 20.22 5.28 5.20
CA ARG A 642 19.25 5.82 4.27
C ARG A 642 17.85 5.72 4.87
N VAL A 643 17.10 6.83 4.85
CA VAL A 643 15.83 6.93 5.54
C VAL A 643 14.78 6.12 4.77
N PRO A 644 14.20 5.03 5.35
CA PRO A 644 13.36 4.11 4.59
C PRO A 644 12.17 4.71 3.83
N TYR A 645 11.50 5.70 4.44
CA TYR A 645 10.32 6.32 3.84
C TYR A 645 10.73 7.42 2.87
N ASP A 646 12.02 7.74 2.81
CA ASP A 646 12.56 8.70 1.85
C ASP A 646 14.02 8.33 1.58
N PRO A 647 14.29 7.42 0.63
CA PRO A 647 15.65 6.89 0.45
C PRO A 647 16.63 7.90 -0.14
N GLY A 648 16.15 9.09 -0.48
CA GLY A 648 17.04 10.18 -0.85
C GLY A 648 17.86 10.67 0.34
N LEU A 649 17.25 10.64 1.53
CA LEU A 649 17.82 11.22 2.74
C LEU A 649 18.74 10.22 3.43
N LYS A 650 20.03 10.58 3.51
CA LYS A 650 20.97 9.90 4.39
C LYS A 650 20.92 10.59 5.75
N ALA A 651 20.64 9.81 6.80
CA ALA A 651 20.55 10.33 8.15
C ALA A 651 21.84 10.00 8.89
N GLY A 652 22.31 10.96 9.69
CA GLY A 652 23.58 10.82 10.41
C GLY A 652 23.37 10.47 11.88
N ALA A 653 23.91 11.32 12.76
CA ALA A 653 23.97 11.04 14.18
C ALA A 653 22.73 11.61 14.88
N LEU A 654 22.35 10.97 16.00
CA LEU A 654 21.27 11.46 16.83
C LEU A 654 21.66 12.81 17.43
N ALA A 655 20.80 13.82 17.23
CA ALA A 655 20.76 14.99 18.08
C ALA A 655 20.06 14.60 19.38
N ILE A 656 20.85 14.17 20.37
CA ILE A 656 20.33 13.42 21.51
C ILE A 656 19.50 14.34 22.41
N GLU A 657 19.86 15.63 22.48
CA GLU A 657 19.14 16.57 23.33
C GLU A 657 17.71 16.77 22.82
N LYS A 658 17.51 16.59 21.51
CA LYS A 658 16.22 16.84 20.87
C LYS A 658 15.37 15.58 20.83
N CYS A 659 15.99 14.40 21.03
CA CYS A 659 15.26 13.15 21.11
C CYS A 659 14.53 13.07 22.44
N LYS A 660 13.29 12.54 22.43
CA LYS A 660 12.51 12.39 23.65
C LYS A 660 11.45 11.30 23.47
N VAL A 661 10.81 10.93 24.59
CA VAL A 661 9.64 10.07 24.57
C VAL A 661 8.40 10.95 24.64
N MET A 662 7.38 10.58 23.87
CA MET A 662 6.23 11.43 23.67
C MET A 662 5.13 11.05 24.66
N ALA A 663 4.54 12.06 25.31
CA ALA A 663 3.53 11.85 26.32
C ALA A 663 2.29 11.23 25.67
N SER A 664 2.36 9.90 25.48
CA SER A 664 1.27 9.13 24.90
C SER A 664 0.98 7.94 25.81
N LYS A 665 0.07 7.06 25.36
CA LYS A 665 -0.12 5.77 26.00
C LYS A 665 0.70 4.71 25.27
N LYS A 666 1.15 5.05 24.04
CA LYS A 666 1.94 4.17 23.21
C LYS A 666 3.43 4.43 23.42
N LYS A 667 3.76 5.50 24.16
CA LYS A 667 5.12 5.94 24.39
C LYS A 667 5.98 5.72 23.13
N PRO A 668 5.70 6.45 22.02
CA PRO A 668 6.57 6.45 20.86
C PRO A 668 7.75 7.38 21.06
N LEU A 669 8.78 7.22 20.22
CA LEU A 669 9.97 8.05 20.30
C LEU A 669 9.89 9.19 19.28
N TRP A 670 10.20 10.40 19.74
CA TRP A 670 10.53 11.52 18.88
C TRP A 670 12.04 11.56 18.70
N LEU A 671 12.53 11.11 17.53
CA LEU A 671 13.96 11.07 17.27
C LEU A 671 14.32 12.11 16.23
N GLU A 672 15.54 12.68 16.34
CA GLU A 672 16.02 13.64 15.36
C GLU A 672 17.47 13.28 15.01
N PHE A 673 17.80 13.40 13.72
CA PHE A 673 19.11 13.02 13.21
C PHE A 673 19.70 14.15 12.38
N LYS A 674 21.03 14.30 12.44
CA LYS A 674 21.76 15.18 11.56
C LYS A 674 21.81 14.54 10.18
N CYS A 675 21.79 15.37 9.13
CA CYS A 675 21.93 14.86 7.77
C CYS A 675 23.38 14.45 7.55
N ALA A 676 23.58 13.18 7.17
CA ALA A 676 24.92 12.64 6.96
C ALA A 676 25.57 13.25 5.72
N ASP A 677 24.77 13.93 4.90
CA ASP A 677 25.28 14.57 3.68
C ASP A 677 25.85 15.94 4.04
N PRO A 678 27.15 16.19 3.76
CA PRO A 678 27.77 17.47 4.12
C PRO A 678 27.34 18.63 3.23
N THR A 679 26.91 18.32 1.99
CA THR A 679 26.53 19.33 1.02
C THR A 679 25.06 19.73 1.21
N ALA A 680 24.44 19.24 2.28
CA ALA A 680 23.08 19.63 2.64
C ALA A 680 23.03 21.14 2.89
N LEU A 681 21.99 21.78 2.34
CA LEU A 681 21.95 23.23 2.22
C LEU A 681 21.18 23.84 3.41
N SER A 682 21.03 23.06 4.48
CA SER A 682 20.53 23.57 5.75
C SER A 682 20.92 22.60 6.86
N ASN A 683 20.65 22.98 8.11
CA ASN A 683 20.95 22.13 9.25
C ASN A 683 19.66 21.64 9.92
N GLU A 684 18.51 21.87 9.26
CA GLU A 684 17.26 21.30 9.75
C GLU A 684 17.44 19.79 9.90
N THR A 685 17.17 19.31 11.11
CA THR A 685 17.44 17.93 11.50
C THR A 685 16.37 17.03 10.87
N ILE A 686 16.73 15.75 10.66
CA ILE A 686 15.81 14.75 10.16
C ILE A 686 15.05 14.15 11.35
N GLY A 687 13.73 14.41 11.38
CA GLY A 687 12.88 13.92 12.45
C GLY A 687 12.17 12.63 12.07
N ILE A 688 12.26 11.63 12.94
CA ILE A 688 11.59 10.36 12.74
C ILE A 688 10.92 9.93 14.04
N ILE A 689 9.71 9.39 13.93
CA ILE A 689 8.97 8.87 15.07
C ILE A 689 8.98 7.34 15.01
N PHE A 690 9.61 6.69 16.00
CA PHE A 690 9.48 5.26 16.19
C PHE A 690 8.29 4.96 17.11
N LYS A 691 7.43 4.02 16.69
CA LYS A 691 6.21 3.77 17.44
C LYS A 691 5.85 2.28 17.39
N HIS A 692 5.90 1.63 18.56
CA HIS A 692 5.20 0.37 18.77
C HIS A 692 3.86 0.68 19.45
N GLY A 693 2.80 -0.01 19.00
CA GLY A 693 1.47 0.18 19.54
C GLY A 693 0.39 -0.10 18.49
N ASP A 694 0.48 0.60 17.36
CA ASP A 694 -0.46 0.45 16.26
C ASP A 694 0.16 -0.38 15.15
N ASP A 695 -0.71 -0.93 14.29
CA ASP A 695 -0.31 -1.62 13.07
C ASP A 695 -0.31 -0.60 11.93
N LEU A 696 0.87 -0.36 11.35
CA LEU A 696 1.08 0.73 10.41
C LEU A 696 0.94 0.27 8.96
N ARG A 697 0.59 -1.00 8.76
CA ARG A 697 0.23 -1.51 7.44
C ARG A 697 -1.06 -0.84 6.96
N GLN A 698 -1.95 -0.54 7.91
CA GLN A 698 -3.21 0.11 7.62
C GLN A 698 -2.95 1.56 7.21
N ASP A 699 -2.11 2.26 7.97
CA ASP A 699 -1.77 3.65 7.69
C ASP A 699 -1.08 3.74 6.34
N MET A 700 -0.11 2.87 6.10
CA MET A 700 0.63 2.81 4.83
C MET A 700 -0.32 2.81 3.64
N LEU A 701 -1.33 1.93 3.69
CA LEU A 701 -2.31 1.77 2.63
C LEU A 701 -3.08 3.06 2.42
N ILE A 702 -3.56 3.66 3.52
CA ILE A 702 -4.39 4.86 3.46
C ILE A 702 -3.60 5.98 2.80
N LEU A 703 -2.31 6.11 3.18
CA LEU A 703 -1.43 7.13 2.64
C LEU A 703 -1.17 6.88 1.16
N GLN A 704 -1.06 5.60 0.77
CA GLN A 704 -0.82 5.26 -0.62
C GLN A 704 -2.03 5.69 -1.46
N ILE A 705 -3.23 5.54 -0.89
CA ILE A 705 -4.43 5.94 -1.61
C ILE A 705 -4.46 7.46 -1.74
N LEU A 706 -4.03 8.17 -0.68
CA LEU A 706 -3.97 9.63 -0.71
C LEU A 706 -3.10 10.12 -1.85
N ARG A 707 -1.96 9.45 -2.08
CA ARG A 707 -1.06 9.82 -3.16
C ARG A 707 -1.71 9.54 -4.52
N ILE A 708 -2.46 8.44 -4.61
CA ILE A 708 -3.19 8.10 -5.82
C ILE A 708 -4.23 9.18 -6.11
N MET A 709 -4.84 9.71 -5.04
CA MET A 709 -5.87 10.73 -5.17
C MET A 709 -5.24 12.04 -5.64
N GLU A 710 -4.01 12.32 -5.21
CA GLU A 710 -3.28 13.50 -5.67
C GLU A 710 -2.96 13.39 -7.16
N SER A 711 -2.65 12.17 -7.63
CA SER A 711 -2.29 11.98 -9.03
C SER A 711 -3.54 11.99 -9.92
N ILE A 712 -4.69 11.57 -9.36
CA ILE A 712 -5.96 11.70 -10.04
C ILE A 712 -6.28 13.19 -10.25
N TRP A 713 -6.03 14.01 -9.23
CA TRP A 713 -6.32 15.43 -9.31
C TRP A 713 -5.31 16.14 -10.22
N GLU A 714 -4.11 15.56 -10.37
CA GLU A 714 -3.08 16.11 -11.24
C GLU A 714 -3.49 15.96 -12.71
N THR A 715 -4.31 14.95 -13.02
CA THR A 715 -4.75 14.70 -14.39
C THR A 715 -5.71 15.80 -14.85
N GLU A 716 -6.29 16.54 -13.89
CA GLU A 716 -7.23 17.61 -14.19
C GLU A 716 -6.72 18.93 -13.62
N SER A 717 -5.39 19.06 -13.52
CA SER A 717 -4.76 20.31 -13.12
C SER A 717 -5.36 20.81 -11.81
N LEU A 718 -5.32 19.95 -10.78
CA LEU A 718 -5.80 20.27 -9.44
C LEU A 718 -4.75 19.86 -8.41
N ASP A 719 -4.46 20.78 -7.50
CA ASP A 719 -3.58 20.55 -6.37
C ASP A 719 -4.38 20.82 -5.09
N LEU A 720 -4.59 19.75 -4.31
CA LEU A 720 -5.44 19.79 -3.12
C LEU A 720 -4.58 19.74 -1.85
N CYS A 721 -3.26 19.84 -2.02
CA CYS A 721 -2.32 20.09 -0.93
C CYS A 721 -2.53 19.11 0.24
N LEU A 722 -2.28 17.82 -0.01
CA LEU A 722 -2.25 16.83 1.05
C LEU A 722 -0.82 16.65 1.54
N LEU A 723 -0.66 16.16 2.77
CA LEU A 723 0.64 15.71 3.25
C LEU A 723 0.54 14.23 3.63
N PRO A 724 0.68 13.30 2.65
CA PRO A 724 0.95 11.91 2.95
C PRO A 724 2.41 11.79 3.41
N TYR A 725 2.64 12.16 4.67
CA TYR A 725 3.92 11.99 5.33
C TYR A 725 4.40 10.55 5.16
N GLY A 726 5.72 10.37 5.21
CA GLY A 726 6.33 9.05 5.14
C GLY A 726 5.94 8.18 6.34
N CYS A 727 5.62 6.92 6.06
CA CYS A 727 5.22 5.98 7.10
C CYS A 727 5.52 4.56 6.61
N ILE A 728 6.53 3.90 7.19
CA ILE A 728 6.89 2.54 6.82
C ILE A 728 6.63 1.61 8.00
N SER A 729 6.15 0.40 7.71
CA SER A 729 6.07 -0.67 8.69
C SER A 729 7.32 -1.53 8.58
N THR A 730 8.06 -1.63 9.69
CA THR A 730 9.37 -2.26 9.72
C THR A 730 9.30 -3.67 10.29
N GLY A 731 8.38 -3.89 11.24
CA GLY A 731 8.23 -5.18 11.91
C GLY A 731 6.88 -5.31 12.60
N ASP A 732 6.84 -6.12 13.66
CA ASP A 732 5.58 -6.53 14.27
C ASP A 732 5.04 -5.40 15.14
N LYS A 733 4.03 -4.68 14.62
CA LYS A 733 3.39 -3.55 15.28
C LYS A 733 4.40 -2.45 15.60
N ILE A 734 5.55 -2.48 14.90
CA ILE A 734 6.54 -1.42 14.95
C ILE A 734 6.68 -0.82 13.55
N GLY A 735 6.99 0.48 13.52
CA GLY A 735 7.34 1.17 12.29
C GLY A 735 7.97 2.53 12.60
N MET A 736 8.14 3.36 11.58
CA MET A 736 8.52 4.75 11.80
C MET A 736 7.72 5.68 10.89
N ILE A 737 7.78 6.98 11.22
CA ILE A 737 6.93 7.98 10.62
C ILE A 737 7.74 9.26 10.41
N GLU A 738 7.51 9.91 9.27
CA GLU A 738 8.13 11.20 8.98
C GLU A 738 7.54 12.27 9.89
N ILE A 739 8.42 13.10 10.47
CA ILE A 739 8.01 14.28 11.22
C ILE A 739 7.87 15.44 10.26
N VAL A 740 6.64 15.96 10.11
CA VAL A 740 6.38 17.17 9.34
C VAL A 740 6.82 18.37 10.19
N LYS A 741 7.77 19.16 9.67
CA LYS A 741 8.37 20.25 10.44
C LYS A 741 7.39 21.42 10.57
N ASP A 742 7.44 22.07 11.74
CA ASP A 742 6.67 23.26 12.04
C ASP A 742 5.18 22.94 11.95
N ALA A 743 4.77 21.90 12.68
CA ALA A 743 3.43 21.36 12.59
C ALA A 743 2.88 21.14 14.00
N THR A 744 1.58 21.38 14.16
CA THR A 744 0.90 21.10 15.42
C THR A 744 -0.49 20.57 15.11
N THR A 745 -1.14 20.06 16.16
CA THR A 745 -2.50 19.57 16.05
C THR A 745 -3.49 20.73 16.22
N ILE A 746 -4.74 20.49 15.81
CA ILE A 746 -5.81 21.46 15.97
C ILE A 746 -6.15 21.56 17.46
N ALA A 747 -6.03 20.44 18.17
CA ALA A 747 -6.32 20.41 19.60
C ALA A 747 -5.40 21.36 20.37
N LYS A 748 -4.11 21.35 20.04
CA LYS A 748 -3.13 22.14 20.79
C LYS A 748 -3.32 23.63 20.53
N ILE A 749 -3.79 24.00 19.32
CA ILE A 749 -4.08 25.38 19.00
C ILE A 749 -5.31 25.83 19.80
N GLN A 750 -6.23 24.89 20.05
CA GLN A 750 -7.36 25.14 20.93
C GLN A 750 -6.88 25.29 22.38
N GLN A 751 -5.95 24.41 22.80
CA GLN A 751 -5.43 24.43 24.16
C GLN A 751 -4.57 25.67 24.42
N SER A 752 -3.94 26.22 23.37
CA SER A 752 -2.98 27.30 23.50
C SER A 752 -3.60 28.52 24.18
N THR A 753 -4.89 28.77 23.91
CA THR A 753 -5.59 29.93 24.44
C THR A 753 -6.54 29.51 25.57
N VAL A 754 -7.40 28.52 25.29
CA VAL A 754 -8.46 28.13 26.19
C VAL A 754 -7.87 27.34 27.37
N GLY A 755 -7.30 26.17 27.05
CA GLY A 755 -6.87 25.20 28.06
C GLY A 755 -7.32 23.80 27.65
N ASN A 756 -7.38 22.89 28.64
CA ASN A 756 -7.92 21.55 28.40
C ASN A 756 -9.36 21.52 28.91
N THR A 757 -10.20 22.39 28.34
CA THR A 757 -11.54 22.66 28.86
C THR A 757 -12.52 22.91 27.71
N GLY A 758 -12.59 21.96 26.77
CA GLY A 758 -13.58 21.97 25.70
C GLY A 758 -13.84 23.38 25.17
N ALA A 759 -15.10 23.84 25.31
CA ALA A 759 -15.49 25.22 25.05
C ALA A 759 -14.69 25.79 23.88
N PHE A 760 -14.89 25.20 22.69
CA PHE A 760 -14.02 25.45 21.55
C PHE A 760 -14.32 26.81 20.94
N LYS A 761 -13.25 27.58 20.68
CA LYS A 761 -13.34 28.90 20.08
C LYS A 761 -13.24 28.77 18.55
N ASP A 762 -13.66 29.82 17.84
CA ASP A 762 -13.73 29.82 16.39
C ASP A 762 -12.54 30.54 15.77
N GLU A 763 -12.09 31.63 16.43
CA GLU A 763 -11.12 32.54 15.84
C GLU A 763 -9.70 32.20 16.29
N VAL A 764 -9.51 31.04 16.93
CA VAL A 764 -8.24 30.70 17.54
C VAL A 764 -7.25 30.23 16.47
N LEU A 765 -7.75 29.81 15.30
CA LEU A 765 -6.89 29.44 14.18
C LEU A 765 -6.28 30.69 13.54
N ASN A 766 -7.14 31.58 13.02
CA ASN A 766 -6.70 32.74 12.26
C ASN A 766 -5.57 33.48 12.99
N HIS A 767 -5.69 33.56 14.33
CA HIS A 767 -4.66 34.19 15.14
C HIS A 767 -3.34 33.43 14.96
N TRP A 768 -3.42 32.11 15.15
CA TRP A 768 -2.27 31.22 15.04
C TRP A 768 -1.59 31.37 13.68
N LEU A 769 -2.40 31.53 12.63
CA LEU A 769 -1.88 31.69 11.27
C LEU A 769 -1.27 33.08 11.08
N LYS A 770 -1.95 34.13 11.59
CA LYS A 770 -1.43 35.48 11.53
C LYS A 770 -0.20 35.60 12.44
N GLU A 771 -0.13 34.75 13.47
CA GLU A 771 1.00 34.74 14.39
C GLU A 771 2.25 34.17 13.72
N LYS A 772 2.07 33.20 12.82
CA LYS A 772 3.17 32.38 12.33
C LYS A 772 3.52 32.71 10.88
N SER A 773 2.95 33.79 10.32
CA SER A 773 3.29 34.23 8.98
C SER A 773 3.82 35.67 9.03
N PRO A 774 5.14 35.89 8.83
CA PRO A 774 5.72 37.23 8.89
C PRO A 774 4.99 38.30 8.07
N THR A 775 4.77 38.04 6.78
CA THR A 775 4.15 39.00 5.89
C THR A 775 2.67 38.66 5.73
N GLU A 776 1.86 39.70 5.46
CA GLU A 776 0.46 39.53 5.10
C GLU A 776 0.38 38.78 3.76
N GLU A 777 1.41 38.93 2.93
CA GLU A 777 1.50 38.25 1.65
C GLU A 777 1.50 36.73 1.89
N LYS A 778 2.19 36.30 2.95
CA LYS A 778 2.29 34.89 3.30
C LYS A 778 1.02 34.40 3.98
N PHE A 779 0.38 35.27 4.79
CA PHE A 779 -0.89 34.93 5.43
C PHE A 779 -1.94 34.59 4.38
N GLN A 780 -2.01 35.39 3.31
CA GLN A 780 -2.92 35.13 2.21
C GLN A 780 -2.65 33.73 1.64
N ALA A 781 -1.36 33.38 1.52
CA ALA A 781 -0.97 32.08 1.00
C ALA A 781 -1.29 30.98 2.00
N ALA A 782 -1.13 31.28 3.29
CA ALA A 782 -1.37 30.32 4.37
C ALA A 782 -2.87 30.09 4.59
N VAL A 783 -3.71 30.95 4.02
CA VAL A 783 -5.15 30.74 4.04
C VAL A 783 -5.55 29.99 2.76
N GLU A 784 -4.89 30.35 1.65
CA GLU A 784 -5.08 29.67 0.37
C GLU A 784 -4.72 28.20 0.52
N ARG A 785 -3.56 27.93 1.12
CA ARG A 785 -3.05 26.58 1.32
C ARG A 785 -3.97 25.80 2.25
N PHE A 786 -4.58 26.49 3.21
CA PHE A 786 -5.47 25.86 4.18
C PHE A 786 -6.78 25.44 3.52
N VAL A 787 -7.28 26.30 2.61
CA VAL A 787 -8.58 26.11 1.99
C VAL A 787 -8.53 24.91 1.04
N TYR A 788 -7.39 24.74 0.35
CA TYR A 788 -7.15 23.56 -0.46
C TYR A 788 -6.98 22.33 0.44
N SER A 789 -5.97 22.38 1.33
CA SER A 789 -5.63 21.24 2.16
C SER A 789 -6.87 20.72 2.89
N CYS A 790 -7.67 21.64 3.42
CA CYS A 790 -8.89 21.29 4.12
C CYS A 790 -9.85 20.56 3.18
N ALA A 791 -10.04 21.11 1.97
CA ALA A 791 -11.01 20.59 1.01
C ALA A 791 -10.57 19.21 0.51
N GLY A 792 -9.28 19.06 0.23
CA GLY A 792 -8.73 17.78 -0.18
C GLY A 792 -8.97 16.69 0.85
N TYR A 793 -8.71 17.04 2.13
CA TYR A 793 -8.84 16.09 3.22
C TYR A 793 -10.32 15.88 3.57
N CYS A 794 -11.19 16.81 3.17
CA CYS A 794 -12.62 16.64 3.35
C CYS A 794 -13.15 15.57 2.38
N VAL A 795 -12.77 15.69 1.11
CA VAL A 795 -13.23 14.80 0.05
C VAL A 795 -12.65 13.40 0.26
N ALA A 796 -11.33 13.34 0.45
CA ALA A 796 -10.58 12.10 0.55
C ALA A 796 -11.09 11.25 1.71
N THR A 797 -11.23 11.89 2.88
CA THR A 797 -11.62 11.16 4.09
C THR A 797 -13.07 10.71 3.98
N PHE A 798 -13.91 11.49 3.28
CA PHE A 798 -15.32 11.15 3.16
C PHE A 798 -15.47 9.82 2.43
N VAL A 799 -14.80 9.73 1.28
CA VAL A 799 -14.91 8.58 0.39
C VAL A 799 -14.35 7.33 1.07
N LEU A 800 -13.25 7.49 1.81
CA LEU A 800 -12.63 6.37 2.50
C LEU A 800 -13.43 5.98 3.74
N GLY A 801 -14.25 6.91 4.24
CA GLY A 801 -15.11 6.63 5.38
C GLY A 801 -14.36 6.77 6.70
N ILE A 802 -13.41 7.70 6.73
CA ILE A 802 -12.59 7.98 7.90
C ILE A 802 -12.56 9.49 8.14
N GLY A 803 -13.72 10.12 7.93
CA GLY A 803 -13.86 11.57 8.00
C GLY A 803 -14.19 12.07 9.40
N ASP A 804 -14.82 11.22 10.22
CA ASP A 804 -15.31 11.58 11.54
C ASP A 804 -14.20 11.32 12.57
N ARG A 805 -13.41 12.36 12.85
CA ARG A 805 -12.13 12.22 13.53
C ARG A 805 -12.05 13.23 14.68
N HIS A 806 -11.30 12.86 15.73
CA HIS A 806 -10.89 13.78 16.77
C HIS A 806 -9.93 14.81 16.17
N ASN A 807 -9.97 16.06 16.67
CA ASN A 807 -9.21 17.14 16.06
C ASN A 807 -7.78 17.17 16.58
N ASP A 808 -7.38 16.23 17.46
CA ASP A 808 -5.97 16.06 17.78
C ASP A 808 -5.34 15.04 16.83
N ASN A 809 -6.17 14.43 15.97
CA ASN A 809 -5.71 13.59 14.88
C ASN A 809 -5.72 14.39 13.56
N ILE A 810 -5.98 15.70 13.65
CA ILE A 810 -5.82 16.59 12.51
C ILE A 810 -4.71 17.59 12.83
N MET A 811 -3.76 17.73 11.89
CA MET A 811 -2.60 18.57 12.10
C MET A 811 -2.57 19.70 11.08
N ILE A 812 -1.69 20.68 11.32
CA ILE A 812 -1.49 21.78 10.38
C ILE A 812 -0.08 22.33 10.51
N THR A 813 0.49 22.72 9.37
CA THR A 813 1.78 23.39 9.32
C THR A 813 1.58 24.88 9.59
N GLU A 814 2.69 25.56 9.89
CA GLU A 814 2.69 27.00 10.07
C GLU A 814 2.51 27.70 8.73
N THR A 815 2.57 26.92 7.62
CA THR A 815 2.30 27.45 6.29
C THR A 815 0.85 27.18 5.89
N GLY A 816 0.04 26.65 6.80
CA GLY A 816 -1.39 26.50 6.59
C GLY A 816 -1.79 25.12 6.07
N ASN A 817 -0.83 24.25 5.80
CA ASN A 817 -1.12 22.93 5.23
C ASN A 817 -1.72 22.05 6.32
N LEU A 818 -3.01 21.75 6.18
CA LEU A 818 -3.72 20.84 7.06
C LEU A 818 -3.44 19.41 6.63
N PHE A 819 -3.45 18.47 7.59
CA PHE A 819 -3.32 17.05 7.25
C PHE A 819 -3.70 16.15 8.42
N HIS A 820 -4.45 15.08 8.10
CA HIS A 820 -4.86 14.08 9.08
C HIS A 820 -3.69 13.15 9.39
N ILE A 821 -3.75 12.51 10.57
CA ILE A 821 -2.73 11.54 10.97
C ILE A 821 -3.42 10.35 11.65
N ASP A 822 -2.61 9.35 12.01
CA ASP A 822 -3.01 8.26 12.88
C ASP A 822 -4.32 7.65 12.40
N PHE A 823 -4.24 6.95 11.25
CA PHE A 823 -5.37 6.23 10.70
C PHE A 823 -5.49 4.86 11.36
N GLY A 824 -4.48 4.46 12.14
CA GLY A 824 -4.53 3.22 12.91
C GLY A 824 -5.73 3.17 13.84
N HIS A 825 -5.96 4.26 14.58
CA HIS A 825 -6.99 4.31 15.61
C HIS A 825 -8.38 4.03 15.03
N ILE A 826 -8.74 4.78 13.98
CA ILE A 826 -10.10 4.75 13.44
C ILE A 826 -10.34 3.41 12.73
N LEU A 827 -9.28 2.79 12.21
CA LEU A 827 -9.38 1.49 11.57
C LEU A 827 -8.99 0.41 12.59
N GLU A 839 -24.79 11.27 16.28
CA GLU A 839 -23.38 11.30 16.77
C GLU A 839 -22.41 11.08 15.61
N ARG A 840 -22.79 11.57 14.41
CA ARG A 840 -22.06 11.31 13.19
C ARG A 840 -21.85 12.62 12.43
N VAL A 841 -20.82 12.65 11.59
CA VAL A 841 -20.61 13.74 10.64
C VAL A 841 -19.79 13.19 9.48
N PRO A 842 -20.14 13.54 8.22
CA PRO A 842 -19.39 13.09 7.04
C PRO A 842 -17.88 13.28 7.11
N PHE A 843 -17.46 14.47 7.54
CA PHE A 843 -16.05 14.81 7.68
C PHE A 843 -15.89 16.01 8.60
N VAL A 844 -14.64 16.34 8.95
CA VAL A 844 -14.36 17.42 9.88
C VAL A 844 -14.29 18.74 9.10
N LEU A 845 -15.25 19.62 9.40
CA LEU A 845 -15.26 21.00 8.91
C LEU A 845 -15.77 21.88 10.04
N THR A 846 -14.94 22.04 11.07
CA THR A 846 -15.37 22.66 12.32
C THR A 846 -15.51 24.18 12.12
N PRO A 847 -16.29 24.86 12.98
CA PRO A 847 -16.48 26.32 12.89
C PRO A 847 -15.18 27.14 12.89
N ASP A 848 -14.11 26.58 13.49
CA ASP A 848 -12.82 27.25 13.54
C ASP A 848 -12.21 27.32 12.13
N PHE A 849 -12.37 26.25 11.35
CA PHE A 849 -11.91 26.20 9.98
C PHE A 849 -12.68 27.23 9.15
N LEU A 850 -14.01 27.26 9.38
CA LEU A 850 -14.92 28.08 8.60
C LEU A 850 -14.66 29.57 8.84
N PHE A 851 -14.08 29.92 10.00
CA PHE A 851 -13.72 31.30 10.29
C PHE A 851 -12.49 31.72 9.48
N VAL A 852 -11.60 30.77 9.19
CA VAL A 852 -10.44 31.03 8.35
C VAL A 852 -10.92 31.25 6.91
N MET A 853 -11.95 30.49 6.52
CA MET A 853 -12.66 30.70 5.26
C MET A 853 -13.34 32.07 5.30
N GLY A 854 -13.94 32.40 6.45
CA GLY A 854 -14.50 33.72 6.70
C GLY A 854 -16.00 33.67 6.95
N THR A 855 -16.43 32.79 7.86
CA THR A 855 -17.84 32.59 8.19
C THR A 855 -18.05 32.78 9.68
N GLY A 857 -20.93 31.54 11.42
CA GLY A 857 -22.25 31.00 11.79
C GLY A 857 -22.83 30.12 10.68
N LYS A 858 -23.71 30.72 9.86
CA LYS A 858 -24.28 30.04 8.70
C LYS A 858 -24.52 31.06 7.59
N LYS A 859 -23.42 31.47 6.95
CA LYS A 859 -23.44 32.40 5.82
C LYS A 859 -22.23 32.14 4.94
N THR A 860 -22.25 32.74 3.74
CA THR A 860 -21.24 32.49 2.71
C THR A 860 -20.14 33.53 2.81
N SER A 861 -19.06 33.34 2.05
CA SER A 861 -17.92 34.24 2.03
C SER A 861 -17.04 33.97 0.82
N PRO A 862 -16.14 34.90 0.42
CA PRO A 862 -15.30 34.71 -0.78
C PRO A 862 -14.48 33.43 -0.83
N HIS A 863 -13.97 32.99 0.32
CA HIS A 863 -13.11 31.82 0.40
C HIS A 863 -13.93 30.54 0.59
N PHE A 864 -15.07 30.63 1.31
CA PHE A 864 -15.93 29.48 1.50
C PHE A 864 -16.61 29.09 0.20
N GLN A 865 -16.75 30.06 -0.71
CA GLN A 865 -17.28 29.80 -2.04
C GLN A 865 -16.29 28.92 -2.81
N LYS A 866 -15.00 29.28 -2.77
CA LYS A 866 -13.98 28.57 -3.53
C LYS A 866 -13.68 27.23 -2.87
N PHE A 867 -13.97 27.11 -1.56
CA PHE A 867 -13.90 25.83 -0.86
C PHE A 867 -14.86 24.83 -1.49
N GLN A 868 -16.11 25.28 -1.73
CA GLN A 868 -17.16 24.43 -2.27
C GLN A 868 -16.90 24.13 -3.75
N ASP A 869 -16.26 25.09 -4.45
CA ASP A 869 -15.81 24.87 -5.81
C ASP A 869 -14.76 23.76 -5.82
N ILE A 870 -13.65 23.99 -5.10
CA ILE A 870 -12.53 23.06 -5.05
C ILE A 870 -13.04 21.67 -4.68
N CYS A 871 -13.94 21.61 -3.68
CA CYS A 871 -14.47 20.36 -3.19
C CYS A 871 -15.20 19.59 -4.29
N VAL A 872 -16.12 20.27 -4.97
CA VAL A 872 -16.97 19.64 -5.96
C VAL A 872 -16.13 19.14 -7.12
N LYS A 873 -15.16 19.96 -7.56
CA LYS A 873 -14.24 19.55 -8.61
C LYS A 873 -13.50 18.29 -8.19
N ALA A 874 -13.04 18.27 -6.92
CA ALA A 874 -12.28 17.16 -6.38
C ALA A 874 -13.14 15.89 -6.28
N TYR A 875 -14.40 16.07 -5.84
CA TYR A 875 -15.32 14.94 -5.68
C TYR A 875 -15.64 14.33 -7.03
N LEU A 876 -15.93 15.18 -8.03
CA LEU A 876 -16.34 14.73 -9.36
C LEU A 876 -15.15 14.14 -10.11
N ALA A 877 -13.95 14.66 -9.84
CA ALA A 877 -12.72 14.12 -10.43
C ALA A 877 -12.52 12.68 -9.98
N LEU A 878 -12.74 12.41 -8.69
CA LEU A 878 -12.59 11.07 -8.13
C LEU A 878 -13.60 10.13 -8.78
N ARG A 879 -14.83 10.62 -8.94
CA ARG A 879 -15.92 9.81 -9.45
C ARG A 879 -15.65 9.39 -10.90
N HIS A 880 -14.78 10.12 -11.60
CA HIS A 880 -14.35 9.73 -12.93
C HIS A 880 -13.50 8.46 -12.87
N HIS A 881 -12.87 8.19 -11.73
CA HIS A 881 -12.17 6.93 -11.51
C HIS A 881 -12.86 6.12 -10.41
N THR A 882 -14.19 5.99 -10.53
CA THR A 882 -15.00 5.31 -9.55
C THR A 882 -14.52 3.86 -9.38
N ASN A 883 -14.25 3.19 -10.51
CA ASN A 883 -13.99 1.77 -10.52
C ASN A 883 -12.61 1.48 -9.91
N LEU A 884 -11.64 2.37 -10.17
CA LEU A 884 -10.30 2.26 -9.61
C LEU A 884 -10.37 2.36 -8.09
N LEU A 885 -10.98 3.43 -7.58
CA LEU A 885 -11.07 3.69 -6.15
C LEU A 885 -11.78 2.53 -5.44
N ILE A 886 -12.83 2.00 -6.08
CA ILE A 886 -13.62 0.92 -5.52
C ILE A 886 -12.77 -0.34 -5.42
N ILE A 887 -11.99 -0.65 -6.45
CA ILE A 887 -11.22 -1.88 -6.49
C ILE A 887 -10.03 -1.78 -5.54
N LEU A 888 -9.48 -0.56 -5.37
CA LEU A 888 -8.37 -0.35 -4.45
C LEU A 888 -8.86 -0.40 -3.00
N PHE A 889 -10.06 0.13 -2.77
CA PHE A 889 -10.65 0.17 -1.44
C PHE A 889 -11.02 -1.25 -0.99
N SER A 890 -11.62 -2.01 -1.92
CA SER A 890 -11.96 -3.40 -1.68
C SER A 890 -10.69 -4.20 -1.32
N MET A 891 -9.69 -4.11 -2.20
CA MET A 891 -8.43 -4.83 -2.05
C MET A 891 -7.73 -4.43 -0.76
N MET A 892 -7.84 -3.15 -0.40
CA MET A 892 -7.21 -2.61 0.79
C MET A 892 -7.79 -3.28 2.04
N LEU A 893 -9.12 -3.45 2.07
CA LEU A 893 -9.79 -4.06 3.21
C LEU A 893 -9.49 -5.56 3.29
N MET A 894 -9.33 -6.20 2.12
CA MET A 894 -9.16 -7.64 2.05
C MET A 894 -7.73 -8.05 2.44
N THR A 895 -6.73 -7.25 2.02
CA THR A 895 -5.34 -7.57 2.27
C THR A 895 -4.81 -6.87 3.53
N GLY A 896 -5.49 -5.80 3.96
CA GLY A 896 -4.90 -4.83 4.88
C GLY A 896 -5.61 -4.73 6.23
N MET A 897 -6.94 -4.88 6.25
CA MET A 897 -7.72 -4.64 7.45
C MET A 897 -8.43 -5.93 7.87
N PRO A 898 -7.88 -6.69 8.85
CA PRO A 898 -8.61 -7.82 9.44
C PRO A 898 -9.97 -7.40 10.00
N GLN A 899 -10.05 -6.17 10.53
CA GLN A 899 -11.29 -5.58 10.98
C GLN A 899 -12.21 -5.34 9.78
N THR A 901 -13.24 -8.42 6.91
CA THR A 901 -14.21 -7.37 6.54
C THR A 901 -15.39 -7.97 5.80
N SER A 902 -16.60 -7.47 6.09
CA SER A 902 -17.82 -7.94 5.47
C SER A 902 -18.08 -7.17 4.17
N LYS A 903 -19.12 -7.61 3.43
CA LYS A 903 -19.48 -7.00 2.16
C LYS A 903 -19.90 -5.55 2.38
N GLU A 904 -20.60 -5.28 3.48
CA GLU A 904 -21.22 -3.99 3.74
C GLU A 904 -20.16 -2.95 4.13
N ASP A 905 -19.06 -3.41 4.72
CA ASP A 905 -17.89 -2.57 4.94
C ASP A 905 -17.29 -2.18 3.58
N ILE A 906 -17.21 -3.16 2.68
CA ILE A 906 -16.56 -3.00 1.38
C ILE A 906 -17.47 -2.21 0.44
N GLU A 907 -18.80 -2.37 0.59
CA GLU A 907 -19.77 -1.73 -0.29
C GLU A 907 -20.26 -0.41 0.30
N TYR A 908 -19.44 0.21 1.17
CA TYR A 908 -19.72 1.55 1.66
C TYR A 908 -19.39 2.60 0.58
N ILE A 909 -18.31 2.34 -0.15
CA ILE A 909 -17.68 3.35 -1.01
C ILE A 909 -18.60 3.74 -2.16
N ARG A 910 -19.33 2.76 -2.70
CA ARG A 910 -20.22 2.99 -3.83
C ARG A 910 -21.29 4.02 -3.45
N ASP A 911 -21.68 4.03 -2.16
CA ASP A 911 -22.64 5.00 -1.64
C ASP A 911 -22.00 6.39 -1.57
N ALA A 912 -20.75 6.44 -1.10
CA ALA A 912 -20.01 7.69 -0.94
C ALA A 912 -19.67 8.30 -2.30
N LEU A 913 -19.41 7.44 -3.29
CA LEU A 913 -19.07 7.88 -4.64
C LEU A 913 -20.32 8.04 -5.49
N THR A 914 -21.50 7.78 -4.91
CA THR A 914 -22.78 7.98 -5.57
C THR A 914 -22.78 7.27 -6.92
N VAL A 915 -22.57 5.96 -6.88
CA VAL A 915 -22.64 5.11 -8.06
C VAL A 915 -24.07 5.13 -8.57
N GLY A 916 -24.22 5.29 -9.89
CA GLY A 916 -25.53 5.42 -10.51
C GLY A 916 -25.90 6.88 -10.76
N LYS A 917 -25.77 7.72 -9.72
CA LYS A 917 -26.17 9.12 -9.80
C LYS A 917 -25.38 9.82 -10.89
N ASN A 918 -25.99 10.88 -11.42
CA ASN A 918 -25.41 11.66 -12.50
C ASN A 918 -24.55 12.77 -11.90
N GLU A 919 -23.93 13.57 -12.79
CA GLU A 919 -22.97 14.59 -12.42
C GLU A 919 -23.56 15.57 -11.41
N GLU A 920 -24.84 15.93 -11.61
CA GLU A 920 -25.48 17.00 -10.85
C GLU A 920 -25.89 16.52 -9.46
N ASP A 921 -26.52 15.34 -9.38
CA ASP A 921 -26.98 14.79 -8.11
C ASP A 921 -25.79 14.55 -7.18
N ALA A 922 -24.61 14.25 -7.77
CA ALA A 922 -23.39 14.04 -7.03
C ALA A 922 -22.88 15.36 -6.45
N LYS A 923 -22.86 16.41 -7.28
CA LYS A 923 -22.46 17.75 -6.86
C LYS A 923 -23.32 18.21 -5.69
N LYS A 924 -24.62 17.86 -5.74
CA LYS A 924 -25.57 18.25 -4.71
C LYS A 924 -25.42 17.33 -3.48
N TYR A 925 -25.11 16.06 -3.70
CA TYR A 925 -24.94 15.11 -2.60
C TYR A 925 -23.84 15.57 -1.66
N PHE A 926 -22.75 16.12 -2.22
CA PHE A 926 -21.61 16.52 -1.43
C PHE A 926 -21.92 17.81 -0.67
N LEU A 927 -22.60 18.76 -1.35
CA LEU A 927 -22.95 20.03 -0.75
C LEU A 927 -23.86 19.83 0.45
N ASP A 928 -24.74 18.82 0.39
CA ASP A 928 -25.59 18.43 1.50
C ASP A 928 -24.76 17.94 2.69
N GLN A 929 -23.70 17.18 2.38
CA GLN A 929 -22.82 16.62 3.40
C GLN A 929 -22.04 17.72 4.12
N ILE A 930 -21.74 18.81 3.41
CA ILE A 930 -21.14 20.00 4.01
C ILE A 930 -22.10 20.58 5.04
N GLU A 931 -23.41 20.53 4.75
CA GLU A 931 -24.41 21.20 5.58
C GLU A 931 -24.72 20.38 6.84
N VAL A 932 -24.33 19.10 6.87
CA VAL A 932 -24.42 18.32 8.09
C VAL A 932 -23.32 18.76 9.05
N CYS A 933 -22.18 19.22 8.49
CA CYS A 933 -21.04 19.64 9.28
C CYS A 933 -21.32 20.96 9.98
N ARG A 934 -22.00 21.88 9.29
CA ARG A 934 -22.29 23.20 9.83
C ARG A 934 -23.47 23.12 10.80
N ASP A 935 -24.34 22.12 10.62
CA ASP A 935 -25.48 21.90 11.50
C ASP A 935 -25.01 21.25 12.81
N LYS A 936 -23.92 20.46 12.74
CA LYS A 936 -23.39 19.77 13.90
C LYS A 936 -22.43 20.68 14.66
N GLY A 937 -21.69 21.53 13.92
CA GLY A 937 -20.75 22.47 14.52
C GLY A 937 -19.71 21.77 15.41
N TRP A 938 -19.85 21.97 16.72
CA TRP A 938 -18.92 21.44 17.72
C TRP A 938 -19.48 20.19 18.40
N THR A 939 -20.73 19.83 18.08
CA THR A 939 -21.44 18.79 18.81
C THR A 939 -20.66 17.49 18.80
N VAL A 940 -20.18 17.09 17.61
CA VAL A 940 -19.53 15.79 17.40
C VAL A 940 -18.11 15.84 17.95
N GLN A 941 -17.44 16.96 17.68
CA GLN A 941 -16.07 17.19 18.12
C GLN A 941 -16.04 17.26 19.64
N PHE A 942 -17.10 17.81 20.24
CA PHE A 942 -17.23 17.92 21.69
C PHE A 942 -17.45 16.53 22.30
N ASN A 943 -18.21 15.66 21.61
CA ASN A 943 -18.41 14.29 22.06
C ASN A 943 -17.10 13.52 22.00
N TRP A 944 -16.22 13.89 21.06
CA TRP A 944 -14.90 13.30 20.97
C TRP A 944 -14.05 13.69 22.19
N PHE A 945 -14.20 14.93 22.66
CA PHE A 945 -13.51 15.39 23.86
C PHE A 945 -14.10 14.71 25.09
N LEU A 946 -15.38 14.33 25.01
CA LEU A 946 -16.09 13.74 26.13
C LEU A 946 -15.68 12.26 26.26
N HIS A 947 -15.06 11.72 25.20
CA HIS A 947 -14.38 10.43 25.26
C HIS A 947 -13.03 10.57 25.96
N LEU A 948 -13.01 11.29 27.09
CA LEU A 948 -11.88 11.30 28.01
C LEU A 948 -12.33 10.74 29.36
N VAL A 949 -13.37 9.90 29.33
CA VAL A 949 -13.84 9.17 30.50
C VAL A 949 -14.35 7.80 30.03
S SO4 B . 4.55 19.21 -20.97
O1 SO4 B . 5.48 19.39 -22.04
O2 SO4 B . 4.08 20.49 -20.52
O3 SO4 B . 3.43 18.41 -21.41
O4 SO4 B . 5.21 18.54 -19.88
S SO4 C . -21.78 -21.95 -25.79
O1 SO4 C . -22.53 -20.98 -25.03
O2 SO4 C . -21.93 -21.67 -27.19
O3 SO4 C . -22.29 -23.27 -25.50
O4 SO4 C . -20.40 -21.88 -25.42
S SO4 D . -16.38 -8.58 -10.81
O1 SO4 D . -15.32 -7.71 -11.26
O2 SO4 D . -17.63 -7.86 -10.79
O3 SO4 D . -16.08 -9.06 -9.49
O4 SO4 D . -16.49 -9.70 -11.70
S SO4 E . 17.73 17.86 5.72
O1 SO4 E . 17.93 19.25 6.02
O2 SO4 E . 16.34 17.62 5.47
O3 SO4 E . 18.15 17.06 6.83
O4 SO4 E . 18.50 17.50 4.56
S SO4 F . 5.80 5.02 -2.62
O1 SO4 F . 6.73 4.98 -3.72
O2 SO4 F . 4.94 6.16 -2.75
O3 SO4 F . 5.02 3.81 -2.61
O4 SO4 F . 6.53 5.12 -1.38
N1 D0D G . 1.25 8.25 16.03
N1 D0D G . 1.28 8.31 16.05
N1 D0D G . 1.26 8.26 16.02
N3 D0D G . 4.61 16.39 14.31
C4 D0D G . 2.57 12.09 13.14
C5 D0D G . 2.82 13.00 14.15
C6 D0D G . 1.89 10.79 13.34
C7 D0D G . 1.23 10.09 12.28
C8 D0D G . 0.64 8.33 13.64
C10 D0D G . 1.91 10.18 14.57
C13 D0D G . 3.91 15.32 14.80
C15 D0D G . 2.69 15.97 18.26
C17 D0D G . 3.00 17.05 20.42
C20 D0D G . 1.78 16.99 17.91
C21 D0D G . 1.65 14.15 16.93
CL D0D G . -0.14 6.78 13.84
N D0D G . 0.61 8.90 12.41
C9 D0D G . 1.28 8.92 14.77
S D0D G . 1.82 8.82 17.47
S D0D G . 0.82 9.05 17.46
S D0D G . 1.51 8.93 17.52
O1 D0D G . 3.15 9.27 17.29
O1 D0D G . 0.18 10.28 17.13
O1 D0D G . 1.00 10.25 17.51
C11 D0D G . 0.85 10.18 17.74
C11 D0D G . -0.38 8.02 18.05
C11 D0D G . 3.19 9.02 17.55
O D0D G . 1.52 7.88 18.48
O D0D G . 1.92 9.02 18.35
O D0D G . 1.11 8.00 18.50
C3 D0D G . 3.06 12.33 11.84
C2 D0D G . 3.74 13.43 11.55
C D0D G . 3.54 14.20 13.89
C12 D0D G . 4.94 16.38 12.99
N2 D0D G . 4.69 15.47 12.09
C1 D0D G . 3.99 14.38 12.55
N4 D0D G . 3.69 15.58 16.17
C14 D0D G . 3.00 14.84 17.26
C19 D0D G . 1.49 18.03 18.79
C18 D0D G . 2.09 18.07 20.05
C16 D0D G . 3.30 16.00 19.53
#